data_2O00
#
_entry.id   2O00
#
_cell.length_a   1.000
_cell.length_b   1.000
_cell.length_c   1.000
_cell.angle_alpha   90.00
_cell.angle_beta   90.00
_cell.angle_gamma   90.00
#
_symmetry.space_group_name_H-M   'P 1'
#
_entity_poly.entity_id   1
_entity_poly.type   'polypeptide(L)'
_entity_poly.pdbx_seq_one_letter_code
;RQIKIWFQNRRMKWKKRVFNDARDIIQRMHLRQYELL
;
_entity_poly.pdbx_strand_id   A
#
# COMPACT_ATOMS: atom_id res chain seq x y z
N ARG A 1 -15.75 -4.72 0.50
CA ARG A 1 -15.38 -5.18 -0.83
C ARG A 1 -15.29 -3.98 -1.79
N GLN A 2 -16.35 -3.80 -2.55
CA GLN A 2 -16.41 -2.71 -3.52
C GLN A 2 -15.03 -2.51 -4.17
N ILE A 3 -14.49 -3.60 -4.70
CA ILE A 3 -13.19 -3.55 -5.34
C ILE A 3 -13.39 -3.31 -6.84
N LYS A 4 -14.64 -3.16 -7.23
CA LYS A 4 -14.97 -2.93 -8.63
C LYS A 4 -15.11 -1.42 -8.86
N ILE A 5 -14.76 -0.65 -7.83
CA ILE A 5 -14.83 0.79 -7.93
C ILE A 5 -13.45 1.35 -8.26
N TRP A 6 -12.82 0.72 -9.25
CA TRP A 6 -11.50 1.14 -9.68
C TRP A 6 -11.57 2.62 -10.04
N PHE A 7 -12.74 3.02 -10.52
CA PHE A 7 -12.94 4.42 -10.90
C PHE A 7 -13.41 5.25 -9.71
N GLN A 8 -12.80 4.97 -8.56
CA GLN A 8 -13.14 5.68 -7.34
C GLN A 8 -12.47 5.03 -6.14
N ASN A 9 -11.22 4.63 -6.34
CA ASN A 9 -10.44 3.99 -5.29
C ASN A 9 -9.04 4.60 -5.25
N ARG A 10 -8.99 5.83 -4.78
CA ARG A 10 -7.71 6.54 -4.68
C ARG A 10 -7.52 7.09 -3.27
N ARG A 11 -8.64 7.47 -2.67
CA ARG A 11 -8.60 8.02 -1.32
C ARG A 11 -8.10 6.96 -0.34
N MET A 12 -8.04 5.73 -0.82
CA MET A 12 -7.59 4.63 0.01
C MET A 12 -6.07 4.65 0.18
N LYS A 13 -5.45 5.65 -0.44
CA LYS A 13 -4.01 5.80 -0.38
C LYS A 13 -3.57 6.92 -1.31
N TRP A 14 -3.87 8.15 -0.91
CA TRP A 14 -3.52 9.30 -1.71
C TRP A 14 -2.05 9.62 -1.45
N LYS A 15 -1.21 8.62 -1.68
CA LYS A 15 0.22 8.78 -1.48
C LYS A 15 0.48 9.28 -0.06
N LYS A 16 0.92 8.37 0.79
CA LYS A 16 1.20 8.71 2.17
C LYS A 16 1.38 7.42 2.98
N ARG A 17 0.66 6.40 2.57
CA ARG A 17 0.73 5.11 3.24
C ARG A 17 1.37 4.06 2.33
N VAL A 18 1.34 4.35 1.03
CA VAL A 18 1.92 3.46 0.05
C VAL A 18 3.38 3.16 0.42
N PHE A 19 4.14 4.23 0.59
CA PHE A 19 5.54 4.11 0.95
C PHE A 19 5.73 3.15 2.13
N ASN A 20 4.65 2.97 2.88
CA ASN A 20 4.67 2.09 4.03
C ASN A 20 4.79 0.64 3.55
N ASP A 21 3.82 0.23 2.76
CA ASP A 21 3.79 -1.12 2.23
C ASP A 21 5.12 -1.42 1.55
N ALA A 22 5.47 -0.56 0.61
CA ALA A 22 6.71 -0.72 -0.13
C ALA A 22 7.89 -0.72 0.85
N ARG A 23 7.62 -0.22 2.05
CA ARG A 23 8.63 -0.17 3.08
C ARG A 23 8.54 -1.39 3.99
N ASP A 24 8.65 -2.56 3.36
CA ASP A 24 8.58 -3.80 4.10
C ASP A 24 9.56 -4.80 3.49
N ILE A 25 9.20 -5.29 2.30
CA ILE A 25 10.03 -6.26 1.60
C ILE A 25 9.61 -6.30 0.13
N ILE A 26 8.36 -6.68 -0.09
CA ILE A 26 7.84 -6.76 -1.44
C ILE A 26 6.44 -6.15 -1.48
N GLN A 27 6.34 -4.95 -0.92
CA GLN A 27 5.07 -4.24 -0.88
C GLN A 27 4.05 -5.03 -0.05
N ARG A 28 4.54 -6.08 0.59
CA ARG A 28 3.69 -6.91 1.42
C ARG A 28 2.77 -7.76 0.53
N MET A 29 3.39 -8.54 -0.34
CA MET A 29 2.65 -9.40 -1.24
C MET A 29 3.40 -10.71 -1.50
N HIS A 30 4.69 -10.58 -1.71
CA HIS A 30 5.53 -11.74 -1.96
C HIS A 30 6.18 -12.20 -0.65
N LEU A 31 5.72 -11.61 0.44
CA LEU A 31 6.24 -11.95 1.75
C LEU A 31 6.05 -13.44 2.00
N ARG A 32 6.04 -13.80 3.28
CA ARG A 32 5.87 -15.19 3.66
C ARG A 32 5.76 -15.31 5.18
N GLN A 33 6.64 -14.59 5.86
CA GLN A 33 6.66 -14.61 7.32
C GLN A 33 6.47 -16.04 7.84
N TYR A 34 7.53 -16.83 7.70
CA TYR A 34 7.50 -18.21 8.13
C TYR A 34 7.91 -18.32 9.61
N GLU A 35 7.45 -17.35 10.39
CA GLU A 35 7.77 -17.32 11.81
C GLU A 35 7.30 -18.62 12.48
N LEU A 36 7.15 -18.55 13.79
CA LEU A 36 6.72 -19.70 14.56
C LEU A 36 5.61 -20.43 13.79
N LEU A 37 4.87 -19.66 13.00
CA LEU A 37 3.78 -20.20 12.21
C LEU A 37 3.05 -21.27 13.04
N ARG A 1 1.00 -10.62 -8.50
CA ARG A 1 -0.27 -11.05 -7.92
C ARG A 1 -1.27 -9.88 -7.92
N GLN A 2 -2.49 -10.19 -7.53
CA GLN A 2 -3.55 -9.20 -7.48
C GLN A 2 -3.82 -8.65 -8.88
N ILE A 3 -4.09 -9.57 -9.79
CA ILE A 3 -4.38 -9.19 -11.17
C ILE A 3 -5.89 -9.08 -11.37
N LYS A 4 -6.62 -9.28 -10.27
CA LYS A 4 -8.06 -9.21 -10.31
C LYS A 4 -8.51 -7.84 -9.79
N ILE A 5 -7.55 -6.95 -9.66
CA ILE A 5 -7.84 -5.61 -9.18
C ILE A 5 -8.27 -4.73 -10.36
N TRP A 6 -7.29 -4.31 -11.15
CA TRP A 6 -7.56 -3.47 -12.30
C TRP A 6 -7.93 -2.09 -11.80
N PHE A 7 -9.02 -2.04 -11.04
CA PHE A 7 -9.50 -0.78 -10.49
C PHE A 7 -8.79 -0.45 -9.18
N GLN A 8 -7.52 -0.84 -9.12
CA GLN A 8 -6.71 -0.59 -7.93
C GLN A 8 -5.32 -1.20 -8.10
N ASN A 9 -4.82 -1.13 -9.33
CA ASN A 9 -3.51 -1.67 -9.62
C ASN A 9 -2.63 -0.57 -10.23
N ARG A 10 -1.82 0.04 -9.38
CA ARG A 10 -0.94 1.10 -9.81
C ARG A 10 0.02 1.48 -8.69
N ARG A 11 -0.50 1.46 -7.46
CA ARG A 11 0.29 1.80 -6.30
C ARG A 11 0.44 3.32 -6.19
N MET A 12 0.50 3.97 -7.34
CA MET A 12 0.63 5.42 -7.38
C MET A 12 -0.69 6.11 -7.06
N LYS A 13 -1.67 5.29 -6.71
CA LYS A 13 -2.99 5.79 -6.38
C LYS A 13 -3.04 6.13 -4.88
N TRP A 14 -2.74 5.12 -4.08
CA TRP A 14 -2.75 5.30 -2.63
C TRP A 14 -1.33 5.69 -2.20
N LYS A 15 -0.81 6.71 -2.87
CA LYS A 15 0.53 7.19 -2.57
C LYS A 15 0.50 7.97 -1.25
N LYS A 16 0.90 7.30 -0.19
CA LYS A 16 0.92 7.91 1.13
C LYS A 16 1.02 6.81 2.19
N ARG A 17 0.50 5.65 1.86
CA ARG A 17 0.52 4.52 2.77
C ARG A 17 1.38 3.39 2.19
N VAL A 18 1.66 3.50 0.90
CA VAL A 18 2.46 2.50 0.23
C VAL A 18 3.81 2.37 0.93
N PHE A 19 4.53 3.49 0.98
CA PHE A 19 5.83 3.51 1.63
C PHE A 19 5.78 2.83 2.99
N ASN A 20 4.57 2.75 3.54
CA ASN A 20 4.37 2.14 4.83
C ASN A 20 4.79 0.67 4.77
N ASP A 21 4.11 -0.07 3.90
CA ASP A 21 4.41 -1.48 3.73
C ASP A 21 5.53 -1.65 2.70
N ALA A 22 5.48 -0.79 1.68
CA ALA A 22 6.48 -0.83 0.63
C ALA A 22 7.88 -0.82 1.26
N ARG A 23 7.93 -0.34 2.48
CA ARG A 23 9.20 -0.28 3.20
C ARG A 23 9.42 -1.56 4.01
N ASP A 24 9.37 -2.67 3.29
CA ASP A 24 9.56 -3.97 3.93
C ASP A 24 10.31 -4.89 2.97
N ILE A 25 9.57 -5.42 2.01
CA ILE A 25 10.15 -6.31 1.02
C ILE A 25 9.36 -6.22 -0.29
N ILE A 26 8.09 -6.57 -0.20
CA ILE A 26 7.21 -6.52 -1.36
C ILE A 26 5.86 -5.92 -0.95
N GLN A 27 5.93 -4.76 -0.32
CA GLN A 27 4.74 -4.07 0.12
C GLN A 27 3.94 -4.95 1.09
N ARG A 28 4.59 -6.03 1.51
CA ARG A 28 3.96 -6.97 2.43
C ARG A 28 2.77 -7.67 1.75
N MET A 29 2.99 -8.07 0.51
CA MET A 29 1.96 -8.76 -0.24
C MET A 29 2.46 -10.08 -0.81
N HIS A 30 3.69 -10.05 -1.30
CA HIS A 30 4.31 -11.24 -1.86
C HIS A 30 5.41 -11.74 -0.93
N LEU A 31 5.46 -11.14 0.26
CA LEU A 31 6.45 -11.52 1.25
C LEU A 31 6.32 -13.02 1.54
N ARG A 32 6.96 -13.43 2.62
CA ARG A 32 6.94 -14.83 3.02
C ARG A 32 6.35 -14.98 4.42
N GLN A 33 6.83 -14.13 5.32
CA GLN A 33 6.38 -14.14 6.69
C GLN A 33 6.38 -15.57 7.24
N TYR A 34 7.58 -16.14 7.31
CA TYR A 34 7.74 -17.49 7.81
C TYR A 34 7.92 -17.50 9.34
N GLU A 35 7.21 -16.59 9.99
CA GLU A 35 7.28 -16.48 11.43
C GLU A 35 6.90 -17.81 12.08
N LEU A 36 6.52 -17.73 13.35
CA LEU A 36 6.13 -18.91 14.09
C LEU A 36 5.36 -19.87 13.17
N LEU A 37 4.62 -19.27 12.25
CA LEU A 37 3.84 -20.04 11.31
C LEU A 37 4.63 -21.28 10.88
N ARG A 1 -9.77 34.47 -0.19
CA ARG A 1 -9.97 33.46 -1.20
C ARG A 1 -8.80 32.48 -1.21
N GLN A 2 -8.65 31.77 -0.10
CA GLN A 2 -7.58 30.79 0.04
C GLN A 2 -8.01 29.66 0.97
N ILE A 3 -9.03 28.93 0.53
CA ILE A 3 -9.54 27.82 1.30
C ILE A 3 -8.86 26.52 0.85
N LYS A 4 -7.93 26.67 -0.09
CA LYS A 4 -7.22 25.54 -0.62
C LYS A 4 -5.87 25.41 0.10
N ILE A 5 -5.73 26.18 1.16
CA ILE A 5 -4.50 26.17 1.94
C ILE A 5 -4.59 25.08 3.00
N TRP A 6 -5.81 24.59 3.20
CA TRP A 6 -6.04 23.54 4.19
C TRP A 6 -6.89 22.45 3.53
N PHE A 7 -7.95 22.90 2.87
CA PHE A 7 -8.86 21.98 2.19
C PHE A 7 -8.16 21.30 1.02
N GLN A 8 -6.96 21.77 0.72
CA GLN A 8 -6.18 21.22 -0.38
C GLN A 8 -4.86 20.66 0.14
N ASN A 9 -4.87 20.27 1.41
CA ASN A 9 -3.68 19.72 2.04
C ASN A 9 -3.74 18.19 1.97
N ARG A 10 -4.36 17.70 0.91
CA ARG A 10 -4.48 16.26 0.72
C ARG A 10 -3.87 15.84 -0.62
N ARG A 11 -3.48 16.85 -1.39
CA ARG A 11 -2.87 16.60 -2.69
C ARG A 11 -1.35 16.70 -2.60
N MET A 12 -0.88 17.08 -1.42
CA MET A 12 0.54 17.22 -1.19
C MET A 12 1.19 15.86 -0.95
N LYS A 13 0.37 14.82 -1.01
CA LYS A 13 0.85 13.47 -0.81
C LYS A 13 -0.34 12.51 -0.80
N TRP A 14 -0.91 12.33 -1.99
CA TRP A 14 -2.05 11.44 -2.14
C TRP A 14 -1.53 10.00 -2.16
N LYS A 15 -0.82 9.65 -1.10
CA LYS A 15 -0.26 8.31 -0.98
C LYS A 15 0.64 8.25 0.25
N LYS A 16 0.17 8.87 1.32
CA LYS A 16 0.91 8.89 2.57
C LYS A 16 0.69 7.57 3.32
N ARG A 17 0.96 6.48 2.61
CA ARG A 17 0.79 5.15 3.19
C ARG A 17 1.49 4.10 2.31
N VAL A 18 1.31 4.26 1.01
CA VAL A 18 1.90 3.34 0.05
C VAL A 18 3.36 3.10 0.42
N PHE A 19 4.08 4.19 0.60
CA PHE A 19 5.49 4.12 0.96
C PHE A 19 5.70 3.17 2.14
N ASN A 20 4.63 2.95 2.89
CA ASN A 20 4.69 2.07 4.04
C ASN A 20 4.79 0.62 3.56
N ASP A 21 3.81 0.22 2.78
CA ASP A 21 3.78 -1.14 2.24
C ASP A 21 5.11 -1.44 1.56
N ALA A 22 5.45 -0.61 0.58
CA ALA A 22 6.69 -0.78 -0.16
C ALA A 22 7.86 -0.78 0.83
N ARG A 23 7.59 -0.26 2.02
CA ARG A 23 8.62 -0.19 3.04
C ARG A 23 8.53 -1.41 3.96
N ASP A 24 8.64 -2.58 3.35
CA ASP A 24 8.58 -3.83 4.09
C ASP A 24 9.56 -4.83 3.47
N ILE A 25 9.15 -5.35 2.32
CA ILE A 25 9.98 -6.32 1.62
C ILE A 25 9.61 -6.32 0.14
N ILE A 26 8.35 -6.62 -0.14
CA ILE A 26 7.86 -6.65 -1.49
C ILE A 26 6.50 -5.95 -1.56
N GLN A 27 6.39 -4.87 -0.80
CA GLN A 27 5.16 -4.11 -0.77
C GLN A 27 4.04 -4.91 -0.08
N ARG A 28 4.33 -6.18 0.12
CA ARG A 28 3.37 -7.07 0.76
C ARG A 28 4.09 -8.20 1.50
N MET A 29 5.41 -8.06 1.57
CA MET A 29 6.22 -9.06 2.25
C MET A 29 5.67 -10.46 2.04
N HIS A 30 5.36 -10.76 0.78
CA HIS A 30 4.82 -12.07 0.43
C HIS A 30 3.59 -12.36 1.30
N LEU A 31 2.68 -11.41 1.33
CA LEU A 31 1.46 -11.55 2.11
C LEU A 31 0.53 -12.55 1.42
N ARG A 32 -0.72 -12.53 1.84
CA ARG A 32 -1.72 -13.43 1.28
C ARG A 32 -2.48 -12.74 0.16
N GLN A 33 -1.78 -11.86 -0.55
CA GLN A 33 -2.38 -11.13 -1.65
C GLN A 33 -2.01 -11.77 -2.99
N TYR A 34 -1.99 -13.11 -2.98
CA TYR A 34 -1.66 -13.85 -4.17
C TYR A 34 -2.90 -14.08 -5.05
N GLU A 35 -3.71 -13.04 -5.14
CA GLU A 35 -4.93 -13.11 -5.93
C GLU A 35 -4.61 -13.50 -7.37
N LEU A 36 -5.54 -13.20 -8.26
CA LEU A 36 -5.37 -13.52 -9.67
C LEU A 36 -3.93 -13.21 -10.08
N LEU A 37 -3.35 -12.23 -9.39
CA LEU A 37 -1.98 -11.82 -9.68
C LEU A 37 -1.15 -13.07 -10.00
N ARG A 1 0.43 30.51 5.26
CA ARG A 1 1.28 29.60 4.50
C ARG A 1 0.52 28.32 4.14
N GLN A 2 1.07 27.59 3.19
CA GLN A 2 0.45 26.35 2.76
C GLN A 2 -0.90 26.62 2.10
N ILE A 3 -0.84 27.32 0.97
CA ILE A 3 -2.04 27.66 0.24
C ILE A 3 -2.46 26.46 -0.63
N LYS A 4 -1.73 25.37 -0.45
CA LYS A 4 -2.02 24.16 -1.19
C LYS A 4 -2.79 23.18 -0.31
N ILE A 5 -3.23 23.69 0.83
CA ILE A 5 -3.98 22.87 1.77
C ILE A 5 -5.24 22.32 1.08
N TRP A 6 -6.31 23.08 1.19
CA TRP A 6 -7.57 22.69 0.58
C TRP A 6 -7.43 22.83 -0.94
N PHE A 7 -8.19 22.01 -1.66
CA PHE A 7 -8.15 22.04 -3.11
C PHE A 7 -6.89 21.36 -3.64
N GLN A 8 -6.02 21.00 -2.72
CA GLN A 8 -4.77 20.35 -3.09
C GLN A 8 -4.45 19.21 -2.11
N ASN A 9 -5.45 18.88 -1.30
CA ASN A 9 -5.30 17.83 -0.32
C ASN A 9 -6.04 16.58 -0.80
N ARG A 10 -5.53 16.01 -1.89
CA ARG A 10 -6.14 14.82 -2.46
C ARG A 10 -5.07 13.73 -2.66
N ARG A 11 -3.87 14.18 -2.99
CA ARG A 11 -2.76 13.27 -3.20
C ARG A 11 -2.45 12.50 -1.91
N MET A 12 -3.02 12.97 -0.82
CA MET A 12 -2.82 12.33 0.47
C MET A 12 -3.73 11.12 0.64
N LYS A 13 -4.41 10.78 -0.45
CA LYS A 13 -5.32 9.64 -0.43
C LYS A 13 -4.60 8.41 -0.98
N TRP A 14 -4.25 8.49 -2.26
CA TRP A 14 -3.56 7.39 -2.92
C TRP A 14 -2.05 7.66 -2.81
N LYS A 15 -1.64 8.09 -1.64
CA LYS A 15 -0.23 8.39 -1.40
C LYS A 15 -0.05 8.89 0.03
N LYS A 16 -0.09 7.96 0.97
CA LYS A 16 0.06 8.29 2.37
C LYS A 16 0.04 7.01 3.20
N ARG A 17 0.65 5.97 2.64
CA ARG A 17 0.71 4.69 3.32
C ARG A 17 1.42 3.66 2.44
N VAL A 18 1.17 3.76 1.14
CA VAL A 18 1.79 2.85 0.19
C VAL A 18 3.29 2.75 0.48
N PHE A 19 3.89 3.91 0.69
CA PHE A 19 5.31 3.96 0.97
C PHE A 19 5.67 3.09 2.17
N ASN A 20 4.66 2.80 2.97
CA ASN A 20 4.86 1.96 4.15
C ASN A 20 5.00 0.50 3.72
N ASP A 21 4.00 0.02 2.99
CA ASP A 21 4.01 -1.34 2.51
C ASP A 21 5.29 -1.60 1.72
N ALA A 22 5.63 -0.62 0.89
CA ALA A 22 6.82 -0.73 0.06
C ALA A 22 8.06 -0.77 0.97
N ARG A 23 7.85 -0.38 2.22
CA ARG A 23 8.94 -0.36 3.19
C ARG A 23 8.91 -1.65 4.01
N ASP A 24 8.99 -2.77 3.32
CA ASP A 24 8.97 -4.06 3.98
C ASP A 24 9.91 -5.02 3.23
N ILE A 25 9.46 -5.43 2.05
CA ILE A 25 10.23 -6.35 1.24
C ILE A 25 9.72 -6.30 -0.20
N ILE A 26 8.45 -6.66 -0.35
CA ILE A 26 7.83 -6.67 -1.66
C ILE A 26 6.45 -6.01 -1.57
N GLN A 27 6.43 -4.83 -0.97
CA GLN A 27 5.19 -4.10 -0.80
C GLN A 27 4.20 -4.91 0.05
N ARG A 28 4.70 -5.99 0.61
CA ARG A 28 3.87 -6.85 1.44
C ARG A 28 2.88 -7.62 0.59
N MET A 29 3.41 -8.26 -0.45
CA MET A 29 2.58 -9.04 -1.36
C MET A 29 3.22 -10.39 -1.66
N HIS A 30 4.52 -10.35 -1.90
CA HIS A 30 5.25 -11.56 -2.21
C HIS A 30 6.04 -12.02 -0.97
N LEU A 31 5.77 -11.35 0.14
CA LEU A 31 6.44 -11.67 1.39
C LEU A 31 5.95 -13.03 1.89
N ARG A 32 6.24 -13.29 3.15
CA ARG A 32 5.84 -14.55 3.76
C ARG A 32 6.62 -14.79 5.05
N GLN A 33 6.14 -14.17 6.12
CA GLN A 33 6.79 -14.30 7.42
C GLN A 33 5.86 -15.02 8.40
N TYR A 34 5.51 -16.24 8.04
CA TYR A 34 4.63 -17.05 8.88
C TYR A 34 5.43 -17.82 9.93
N GLU A 35 6.42 -17.15 10.48
CA GLU A 35 7.27 -17.75 11.50
C GLU A 35 6.42 -18.24 12.68
N LEU A 36 7.09 -18.43 13.80
CA LEU A 36 6.41 -18.89 15.01
C LEU A 36 5.06 -18.18 15.13
N LEU A 37 5.02 -16.97 14.58
CA LEU A 37 3.80 -16.17 14.62
C LEU A 37 2.59 -17.10 14.41
N ARG A 1 -21.74 -1.68 -14.92
CA ARG A 1 -21.24 -0.34 -14.64
C ARG A 1 -20.81 -0.24 -13.18
N GLN A 2 -19.50 -0.29 -12.97
CA GLN A 2 -18.94 -0.20 -11.63
C GLN A 2 -17.42 -0.27 -11.69
N ILE A 3 -16.84 0.59 -12.52
CA ILE A 3 -15.39 0.64 -12.68
C ILE A 3 -14.83 1.74 -11.78
N LYS A 4 -15.71 2.34 -11.00
CA LYS A 4 -15.32 3.40 -10.10
C LYS A 4 -14.94 2.81 -8.74
N ILE A 5 -14.95 1.47 -8.70
CA ILE A 5 -14.61 0.77 -7.48
C ILE A 5 -13.09 0.56 -7.41
N TRP A 6 -12.44 0.84 -8.53
CA TRP A 6 -11.00 0.69 -8.62
C TRP A 6 -10.42 1.99 -9.19
N PHE A 7 -11.06 2.47 -10.24
CA PHE A 7 -10.62 3.70 -10.88
C PHE A 7 -11.12 4.92 -10.11
N GLN A 8 -11.70 4.65 -8.95
CA GLN A 8 -12.22 5.72 -8.11
C GLN A 8 -12.00 5.39 -6.63
N ASN A 9 -10.91 4.67 -6.38
CA ASN A 9 -10.57 4.28 -5.02
C ASN A 9 -9.20 4.86 -4.66
N ARG A 10 -9.12 6.18 -4.71
CA ARG A 10 -7.88 6.87 -4.39
C ARG A 10 -8.11 7.88 -3.26
N ARG A 11 -9.37 8.03 -2.89
CA ARG A 11 -9.73 8.94 -1.83
C ARG A 11 -9.27 8.41 -0.48
N MET A 12 -8.38 9.17 0.16
CA MET A 12 -7.85 8.79 1.45
C MET A 12 -6.70 7.80 1.29
N LYS A 13 -6.36 7.52 0.04
CA LYS A 13 -5.29 6.59 -0.26
C LYS A 13 -4.19 7.34 -1.02
N TRP A 14 -4.62 8.27 -1.85
CA TRP A 14 -3.67 9.06 -2.64
C TRP A 14 -2.60 8.11 -3.16
N LYS A 15 -2.99 6.86 -3.34
CA LYS A 15 -2.06 5.85 -3.84
C LYS A 15 -0.96 5.63 -2.80
N LYS A 16 0.10 6.41 -2.95
CA LYS A 16 1.23 6.31 -2.05
C LYS A 16 2.04 5.05 -2.37
N ARG A 17 1.64 4.39 -3.45
CA ARG A 17 2.30 3.18 -3.87
C ARG A 17 1.87 1.99 -3.00
N VAL A 18 0.68 2.14 -2.43
CA VAL A 18 0.13 1.09 -1.58
C VAL A 18 -0.27 -0.11 -2.43
N PHE A 19 -1.18 0.14 -3.36
CA PHE A 19 -1.65 -0.91 -4.25
C PHE A 19 -0.49 -1.65 -4.88
N ASN A 20 0.67 -1.00 -4.88
CA ASN A 20 1.86 -1.59 -5.46
C ASN A 20 2.30 -2.78 -4.60
N ASP A 21 2.59 -2.48 -3.34
CA ASP A 21 3.03 -3.51 -2.41
C ASP A 21 1.90 -4.53 -2.23
N ALA A 22 0.71 -4.02 -1.98
CA ALA A 22 -0.45 -4.88 -1.80
C ALA A 22 -0.60 -5.80 -3.00
N ARG A 23 0.04 -5.40 -4.10
CA ARG A 23 -0.01 -6.19 -5.32
C ARG A 23 1.15 -7.17 -5.37
N ASP A 24 1.27 -7.96 -4.31
CA ASP A 24 2.34 -8.94 -4.22
C ASP A 24 1.82 -10.20 -3.53
N ILE A 25 1.73 -10.14 -2.22
CA ILE A 25 1.24 -11.26 -1.44
C ILE A 25 0.52 -10.74 -0.20
N ILE A 26 1.29 -10.05 0.65
CA ILE A 26 0.74 -9.51 1.87
C ILE A 26 1.31 -8.10 2.10
N GLN A 27 1.15 -7.26 1.08
CA GLN A 27 1.64 -5.90 1.15
C GLN A 27 3.16 -5.89 1.29
N ARG A 28 3.74 -7.07 1.17
CA ARG A 28 5.19 -7.21 1.27
C ARG A 28 5.63 -7.01 2.72
N MET A 29 5.10 -7.87 3.59
CA MET A 29 5.43 -7.79 5.01
C MET A 29 5.31 -9.17 5.67
N HIS A 30 4.23 -9.86 5.32
CA HIS A 30 3.97 -11.18 5.87
C HIS A 30 4.53 -12.24 4.93
N LEU A 31 5.22 -11.78 3.89
CA LEU A 31 5.80 -12.68 2.92
C LEU A 31 6.83 -13.58 3.60
N ARG A 32 7.60 -14.28 2.78
CA ARG A 32 8.61 -15.18 3.29
C ARG A 32 8.01 -16.56 3.57
N GLN A 33 6.69 -16.58 3.65
CA GLN A 33 5.97 -17.83 3.91
C GLN A 33 6.75 -18.69 4.91
N TYR A 34 6.92 -18.14 6.10
CA TYR A 34 7.64 -18.84 7.15
C TYR A 34 6.85 -20.05 7.64
N GLU A 35 5.61 -20.15 7.17
CA GLU A 35 4.74 -21.24 7.55
C GLU A 35 5.21 -22.55 6.89
N LEU A 36 4.69 -23.65 7.41
CA LEU A 36 5.05 -24.96 6.89
C LEU A 36 6.46 -25.33 7.38
N LEU A 37 7.31 -24.32 7.43
CA LEU A 37 8.68 -24.52 7.86
C LEU A 37 8.70 -25.52 9.03
N ARG A 1 -19.98 -9.00 -8.58
CA ARG A 1 -19.67 -7.58 -8.47
C ARG A 1 -18.17 -7.35 -8.64
N GLN A 2 -17.77 -7.22 -9.91
CA GLN A 2 -16.37 -7.00 -10.23
C GLN A 2 -16.22 -5.87 -11.24
N ILE A 3 -16.65 -4.68 -10.82
CA ILE A 3 -16.58 -3.51 -11.67
C ILE A 3 -15.22 -2.82 -11.47
N LYS A 4 -14.45 -3.36 -10.54
CA LYS A 4 -13.14 -2.81 -10.25
C LYS A 4 -13.29 -1.36 -9.82
N ILE A 5 -14.49 -1.02 -9.39
CA ILE A 5 -14.78 0.33 -8.95
C ILE A 5 -13.65 1.26 -9.39
N TRP A 6 -13.53 1.42 -10.70
CA TRP A 6 -12.50 2.27 -11.26
C TRP A 6 -12.80 3.72 -10.86
N PHE A 7 -14.09 4.04 -10.88
CA PHE A 7 -14.52 5.38 -10.52
C PHE A 7 -14.69 5.52 -9.00
N GLN A 8 -13.74 4.95 -8.28
CA GLN A 8 -13.77 5.01 -6.83
C GLN A 8 -12.65 4.14 -6.24
N ASN A 9 -11.50 4.19 -6.90
CA ASN A 9 -10.35 3.43 -6.45
C ASN A 9 -9.10 4.30 -6.52
N ARG A 10 -8.75 4.87 -5.37
CA ARG A 10 -7.57 5.73 -5.29
C ARG A 10 -7.45 6.32 -3.88
N ARG A 11 -8.61 6.59 -3.29
CA ARG A 11 -8.65 7.16 -1.95
C ARG A 11 -7.81 6.32 -1.00
N MET A 12 -7.58 5.07 -1.40
CA MET A 12 -6.80 4.15 -0.59
C MET A 12 -5.31 4.38 -0.79
N LYS A 13 -4.99 5.45 -1.50
CA LYS A 13 -3.61 5.78 -1.78
C LYS A 13 -3.36 7.26 -1.42
N TRP A 14 -4.33 7.83 -0.73
CA TRP A 14 -4.24 9.22 -0.32
C TRP A 14 -3.52 9.27 1.02
N LYS A 15 -2.37 8.60 1.07
CA LYS A 15 -1.57 8.56 2.28
C LYS A 15 -0.10 8.41 1.91
N LYS A 16 0.75 9.07 2.68
CA LYS A 16 2.17 9.02 2.45
C LYS A 16 2.76 7.84 3.21
N ARG A 17 1.88 7.06 3.82
CA ARG A 17 2.30 5.90 4.58
C ARG A 17 2.59 4.72 3.63
N VAL A 18 2.02 4.80 2.45
CA VAL A 18 2.21 3.76 1.45
C VAL A 18 3.70 3.45 1.31
N PHE A 19 4.46 4.51 1.05
CA PHE A 19 5.91 4.37 0.89
C PHE A 19 6.51 3.58 2.05
N ASN A 20 5.78 3.55 3.15
CA ASN A 20 6.23 2.83 4.34
C ASN A 20 6.15 1.32 4.06
N ASP A 21 4.95 0.87 3.74
CA ASP A 21 4.74 -0.54 3.47
C ASP A 21 5.80 -1.02 2.47
N ALA A 22 6.18 -0.12 1.58
CA ALA A 22 7.18 -0.45 0.58
C ALA A 22 8.43 -1.00 1.26
N ARG A 23 8.56 -0.66 2.54
CA ARG A 23 9.71 -1.11 3.31
C ARG A 23 9.37 -2.42 4.04
N ASP A 24 8.93 -3.40 3.26
CA ASP A 24 8.57 -4.69 3.82
C ASP A 24 9.11 -5.79 2.91
N ILE A 25 8.46 -5.93 1.76
CA ILE A 25 8.87 -6.94 0.79
C ILE A 25 8.29 -6.58 -0.58
N ILE A 26 6.97 -6.54 -0.65
CA ILE A 26 6.28 -6.22 -1.88
C ILE A 26 5.16 -5.23 -1.59
N GLN A 27 5.51 -4.14 -0.92
CA GLN A 27 4.53 -3.12 -0.58
C GLN A 27 3.46 -3.70 0.34
N ARG A 28 3.72 -4.91 0.81
CA ARG A 28 2.79 -5.59 1.69
C ARG A 28 1.53 -6.00 0.93
N MET A 29 1.76 -6.50 -0.29
CA MET A 29 0.66 -6.94 -1.13
C MET A 29 0.79 -8.42 -1.47
N HIS A 30 2.01 -8.82 -1.79
CA HIS A 30 2.29 -10.20 -2.14
C HIS A 30 2.52 -11.02 -0.87
N LEU A 31 2.27 -10.37 0.26
CA LEU A 31 2.43 -11.02 1.55
C LEU A 31 1.54 -12.28 1.60
N ARG A 32 1.31 -12.74 2.81
CA ARG A 32 0.49 -13.92 3.01
C ARG A 32 -0.94 -13.67 2.50
N GLN A 33 -1.66 -12.84 3.24
CA GLN A 33 -3.03 -12.50 2.87
C GLN A 33 -3.63 -13.63 2.03
N TYR A 34 -3.69 -14.80 2.62
CA TYR A 34 -4.25 -15.97 1.93
C TYR A 34 -5.77 -16.04 2.13
N GLU A 35 -6.39 -14.87 2.15
CA GLU A 35 -7.83 -14.79 2.33
C GLU A 35 -8.54 -15.61 1.24
N LEU A 36 -9.81 -15.30 1.05
CA LEU A 36 -10.62 -15.99 0.06
C LEU A 36 -9.75 -16.29 -1.17
N LEU A 37 -8.82 -15.38 -1.44
CA LEU A 37 -7.93 -15.54 -2.57
C LEU A 37 -7.54 -17.01 -2.71
N ARG A 1 3.20 21.99 -11.43
CA ARG A 1 4.31 22.82 -11.03
C ARG A 1 4.80 22.44 -9.63
N GLN A 2 5.95 22.99 -9.27
CA GLN A 2 6.53 22.71 -7.97
C GLN A 2 6.92 21.23 -7.86
N ILE A 3 7.81 20.82 -8.75
CA ILE A 3 8.27 19.44 -8.76
C ILE A 3 9.53 19.31 -7.90
N LYS A 4 9.93 20.44 -7.32
CA LYS A 4 11.11 20.46 -6.48
C LYS A 4 10.81 19.74 -5.17
N ILE A 5 9.55 19.37 -5.00
CA ILE A 5 9.12 18.67 -3.80
C ILE A 5 8.71 17.25 -4.16
N TRP A 6 9.71 16.40 -4.32
CA TRP A 6 9.48 15.00 -4.67
C TRP A 6 8.28 14.52 -3.85
N PHE A 7 8.47 14.48 -2.54
CA PHE A 7 7.42 14.04 -1.64
C PHE A 7 6.06 14.61 -2.06
N GLN A 8 6.12 15.75 -2.73
CA GLN A 8 4.91 16.41 -3.19
C GLN A 8 4.69 16.14 -4.68
N ASN A 9 4.95 14.90 -5.07
CA ASN A 9 4.78 14.50 -6.45
C ASN A 9 4.25 13.07 -6.51
N ARG A 10 3.74 12.62 -5.37
CA ARG A 10 3.20 11.27 -5.27
C ARG A 10 2.45 11.09 -3.95
N ARG A 11 2.96 11.76 -2.92
CA ARG A 11 2.36 11.69 -1.61
C ARG A 11 1.32 12.80 -1.43
N MET A 12 1.21 13.64 -2.46
CA MET A 12 0.27 14.74 -2.43
C MET A 12 -1.17 14.24 -2.57
N LYS A 13 -1.29 12.93 -2.74
CA LYS A 13 -2.60 12.32 -2.87
C LYS A 13 -2.42 10.81 -3.07
N TRP A 14 -1.42 10.45 -3.86
CA TRP A 14 -1.14 9.05 -4.12
C TRP A 14 -0.27 8.52 -2.98
N LYS A 15 -0.83 8.56 -1.78
CA LYS A 15 -0.11 8.09 -0.60
C LYS A 15 -0.73 6.77 -0.12
N LYS A 16 -1.75 6.90 0.70
CA LYS A 16 -2.44 5.74 1.23
C LYS A 16 -1.44 4.88 2.02
N ARG A 17 -0.30 5.48 2.33
CA ARG A 17 0.73 4.79 3.06
C ARG A 17 1.48 3.82 2.15
N VAL A 18 1.27 4.01 0.84
CA VAL A 18 1.92 3.16 -0.14
C VAL A 18 3.41 3.04 0.19
N PHE A 19 4.07 4.19 0.23
CA PHE A 19 5.49 4.22 0.53
C PHE A 19 5.79 3.48 1.83
N ASN A 20 4.75 3.29 2.63
CA ASN A 20 4.89 2.59 3.89
C ASN A 20 4.98 1.09 3.64
N ASP A 21 3.97 0.58 2.95
CA ASP A 21 3.92 -0.84 2.63
C ASP A 21 5.19 -1.23 1.88
N ALA A 22 5.53 -0.43 0.88
CA ALA A 22 6.71 -0.68 0.08
C ALA A 22 7.94 -0.70 0.98
N ARG A 23 7.77 -0.13 2.17
CA ARG A 23 8.86 -0.08 3.14
C ARG A 23 8.78 -1.28 4.08
N ASP A 24 8.77 -2.46 3.49
CA ASP A 24 8.70 -3.68 4.27
C ASP A 24 9.61 -4.74 3.63
N ILE A 25 9.15 -5.28 2.52
CA ILE A 25 9.91 -6.29 1.80
C ILE A 25 9.51 -6.28 0.33
N ILE A 26 8.23 -6.54 0.09
CA ILE A 26 7.71 -6.57 -1.26
C ILE A 26 6.26 -6.08 -1.25
N GLN A 27 6.06 -4.93 -0.60
CA GLN A 27 4.73 -4.34 -0.52
C GLN A 27 3.80 -5.26 0.28
N ARG A 28 4.39 -6.28 0.88
CA ARG A 28 3.62 -7.23 1.66
C ARG A 28 2.71 -8.06 0.76
N MET A 29 3.34 -8.72 -0.22
CA MET A 29 2.60 -9.55 -1.15
C MET A 29 3.45 -10.74 -1.61
N HIS A 30 4.70 -10.45 -1.91
CA HIS A 30 5.62 -11.48 -2.36
C HIS A 30 6.23 -12.19 -1.16
N LEU A 31 5.69 -11.88 0.01
CA LEU A 31 6.17 -12.48 1.25
C LEU A 31 5.83 -13.97 1.25
N ARG A 32 6.02 -14.59 2.39
CA ARG A 32 5.74 -16.01 2.54
C ARG A 32 4.36 -16.21 3.16
N GLN A 33 4.33 -16.16 4.49
CA GLN A 33 3.08 -16.33 5.22
C GLN A 33 2.12 -17.20 4.41
N TYR A 34 2.56 -18.42 4.13
CA TYR A 34 1.74 -19.36 3.38
C TYR A 34 0.84 -20.18 4.30
N GLU A 35 0.49 -19.58 5.43
CA GLU A 35 -0.36 -20.23 6.39
C GLU A 35 -1.81 -20.22 5.92
N LEU A 36 -2.08 -19.37 4.94
CA LEU A 36 -3.42 -19.26 4.39
C LEU A 36 -3.57 -20.23 3.21
N LEU A 37 -2.42 -20.61 2.66
CA LEU A 37 -2.41 -21.53 1.54
C LEU A 37 -3.49 -22.60 1.75
N ARG A 1 -24.13 1.67 -1.79
CA ARG A 1 -24.24 2.45 -3.02
C ARG A 1 -22.87 3.03 -3.39
N GLN A 2 -22.86 3.75 -4.51
CA GLN A 2 -21.63 4.36 -4.99
C GLN A 2 -21.41 5.71 -4.29
N ILE A 3 -21.56 5.68 -2.98
CA ILE A 3 -21.37 6.89 -2.19
C ILE A 3 -19.95 6.92 -1.63
N LYS A 4 -19.16 5.93 -2.06
CA LYS A 4 -17.79 5.83 -1.61
C LYS A 4 -16.87 6.43 -2.66
N ILE A 5 -17.48 7.08 -3.64
CA ILE A 5 -16.74 7.71 -4.72
C ILE A 5 -15.77 8.74 -4.12
N TRP A 6 -16.27 9.97 -4.00
CA TRP A 6 -15.46 11.05 -3.45
C TRP A 6 -15.34 10.83 -1.94
N PHE A 7 -14.21 11.28 -1.40
CA PHE A 7 -13.97 11.14 0.03
C PHE A 7 -13.56 9.71 0.37
N GLN A 8 -13.64 8.85 -0.64
CA GLN A 8 -13.28 7.44 -0.45
C GLN A 8 -12.48 6.94 -1.66
N ASN A 9 -12.08 7.88 -2.49
CA ASN A 9 -11.30 7.55 -3.68
C ASN A 9 -9.84 7.91 -3.45
N ARG A 10 -9.53 8.26 -2.21
CA ARG A 10 -8.18 8.63 -1.84
C ARG A 10 -7.78 7.96 -0.52
N ARG A 11 -8.71 8.00 0.43
CA ARG A 11 -8.46 7.40 1.73
C ARG A 11 -7.97 5.96 1.57
N MET A 12 -8.31 5.38 0.43
CA MET A 12 -7.91 4.01 0.14
C MET A 12 -6.44 3.94 -0.27
N LYS A 13 -5.79 5.10 -0.22
CA LYS A 13 -4.39 5.18 -0.58
C LYS A 13 -3.91 6.64 -0.44
N TRP A 14 -3.92 7.10 0.80
CA TRP A 14 -3.50 8.46 1.08
C TRP A 14 -2.20 8.73 0.31
N LYS A 15 -1.48 7.64 0.05
CA LYS A 15 -0.23 7.75 -0.68
C LYS A 15 0.92 7.97 0.31
N LYS A 16 0.66 8.86 1.26
CA LYS A 16 1.65 9.18 2.27
C LYS A 16 2.37 7.89 2.70
N ARG A 17 1.62 6.79 2.67
CA ARG A 17 2.17 5.50 3.05
C ARG A 17 2.47 5.47 4.54
N VAL A 18 1.80 6.36 5.27
CA VAL A 18 1.98 6.44 6.71
C VAL A 18 0.89 5.63 7.42
N PHE A 19 -0.35 5.95 7.07
CA PHE A 19 -1.49 5.26 7.66
C PHE A 19 -1.34 3.74 7.51
N ASN A 20 -0.49 3.34 6.58
CA ASN A 20 -0.26 1.93 6.32
C ASN A 20 0.74 1.41 7.36
N ASP A 21 1.87 2.09 7.45
CA ASP A 21 2.91 1.69 8.38
C ASP A 21 2.55 2.19 9.79
N ALA A 22 1.25 2.19 10.06
CA ALA A 22 0.76 2.64 11.35
C ALA A 22 1.39 1.79 12.46
N ARG A 23 1.67 0.54 12.11
CA ARG A 23 2.27 -0.38 13.06
C ARG A 23 3.40 -1.17 12.38
N ASP A 24 3.91 -0.61 11.30
CA ASP A 24 4.98 -1.26 10.56
C ASP A 24 4.79 -0.98 9.06
N ILE A 25 3.76 -1.60 8.51
CA ILE A 25 3.46 -1.44 7.10
C ILE A 25 1.95 -1.51 6.89
N ILE A 26 1.34 -2.48 7.55
CA ILE A 26 -0.10 -2.67 7.44
C ILE A 26 -0.67 -2.94 8.83
N GLN A 27 -0.26 -2.10 9.78
CA GLN A 27 -0.73 -2.24 11.15
C GLN A 27 -0.42 -3.64 11.68
N ARG A 28 0.43 -4.34 10.95
CA ARG A 28 0.83 -5.69 11.33
C ARG A 28 -0.38 -6.63 11.27
N MET A 29 -1.12 -6.53 10.18
CA MET A 29 -2.29 -7.35 9.98
C MET A 29 -2.20 -8.14 8.67
N HIS A 30 -1.66 -7.49 7.67
CA HIS A 30 -1.49 -8.11 6.36
C HIS A 30 -0.01 -8.22 6.02
N LEU A 31 0.82 -7.86 6.99
CA LEU A 31 2.25 -7.91 6.81
C LEU A 31 2.68 -9.36 6.54
N ARG A 32 3.97 -9.59 6.67
CA ARG A 32 4.51 -10.93 6.43
C ARG A 32 4.36 -11.79 7.68
N GLN A 33 4.98 -11.33 8.76
CA GLN A 33 4.91 -12.04 10.02
C GLN A 33 5.02 -13.55 9.78
N TYR A 34 6.13 -13.95 9.17
CA TYR A 34 6.36 -15.35 8.87
C TYR A 34 7.03 -16.05 10.05
N GLU A 35 6.57 -15.71 11.24
CA GLU A 35 7.11 -16.30 12.45
C GLU A 35 6.92 -17.82 12.44
N LEU A 36 6.98 -18.40 13.63
CA LEU A 36 6.80 -19.83 13.77
C LEU A 36 5.68 -20.30 12.84
N LEU A 37 4.75 -19.40 12.59
CA LEU A 37 3.61 -19.71 11.73
C LEU A 37 4.09 -20.57 10.56
N ARG A 1 -12.23 -6.69 -13.39
CA ARG A 1 -11.68 -5.58 -14.15
C ARG A 1 -11.95 -4.26 -13.42
N GLN A 2 -12.63 -4.38 -12.29
CA GLN A 2 -12.97 -3.21 -11.49
C GLN A 2 -12.83 -3.53 -10.00
N ILE A 3 -11.70 -4.12 -9.65
CA ILE A 3 -11.43 -4.48 -8.27
C ILE A 3 -10.66 -3.35 -7.60
N LYS A 4 -10.41 -2.29 -8.36
CA LYS A 4 -9.68 -1.15 -7.84
C LYS A 4 -10.67 -0.01 -7.57
N ILE A 5 -11.95 -0.37 -7.56
CA ILE A 5 -12.99 0.62 -7.30
C ILE A 5 -12.75 1.28 -5.95
N TRP A 6 -13.36 0.69 -4.92
CA TRP A 6 -13.22 1.20 -3.58
C TRP A 6 -11.80 0.87 -3.09
N PHE A 7 -11.30 1.74 -2.21
CA PHE A 7 -9.96 1.56 -1.67
C PHE A 7 -8.89 1.95 -2.70
N GLN A 8 -9.36 2.26 -3.90
CA GLN A 8 -8.46 2.65 -4.97
C GLN A 8 -9.07 3.80 -5.78
N ASN A 9 -10.12 4.38 -5.21
CA ASN A 9 -10.79 5.50 -5.88
C ASN A 9 -10.46 6.78 -5.12
N ARG A 10 -10.05 6.63 -3.88
CA ARG A 10 -9.71 7.77 -3.05
C ARG A 10 -8.38 7.53 -2.33
N ARG A 11 -8.25 6.32 -1.79
CA ARG A 11 -7.05 5.95 -1.08
C ARG A 11 -5.82 6.24 -1.92
N MET A 12 -6.04 6.33 -3.22
CA MET A 12 -4.96 6.61 -4.15
C MET A 12 -4.63 8.11 -4.18
N LYS A 13 -5.26 8.84 -3.28
CA LYS A 13 -5.05 10.27 -3.20
C LYS A 13 -3.87 10.56 -2.26
N TRP A 14 -3.97 10.02 -1.05
CA TRP A 14 -2.93 10.20 -0.06
C TRP A 14 -1.99 9.00 -0.12
N LYS A 15 -1.59 8.68 -1.34
CA LYS A 15 -0.70 7.54 -1.55
C LYS A 15 0.70 7.90 -1.03
N LYS A 16 0.76 8.12 0.28
CA LYS A 16 2.02 8.47 0.92
C LYS A 16 2.98 7.28 0.82
N ARG A 17 2.45 6.10 1.13
CA ARG A 17 3.25 4.89 1.08
C ARG A 17 2.36 3.69 0.75
N VAL A 18 1.26 3.98 0.08
CA VAL A 18 0.32 2.94 -0.31
C VAL A 18 1.04 1.91 -1.19
N PHE A 19 1.53 2.40 -2.33
CA PHE A 19 2.24 1.54 -3.26
C PHE A 19 3.32 0.72 -2.53
N ASN A 20 3.72 1.21 -1.37
CA ASN A 20 4.73 0.54 -0.58
C ASN A 20 4.07 -0.57 0.25
N ASP A 21 3.02 -0.20 0.96
CA ASP A 21 2.30 -1.16 1.78
C ASP A 21 1.39 -2.01 0.89
N ALA A 22 1.78 -2.13 -0.37
CA ALA A 22 1.01 -2.91 -1.32
C ALA A 22 0.46 -4.15 -0.64
N ARG A 23 1.23 -4.65 0.33
CA ARG A 23 0.84 -5.83 1.07
C ARG A 23 1.84 -6.10 2.20
N ASP A 24 2.07 -5.08 3.00
CA ASP A 24 2.99 -5.19 4.11
C ASP A 24 3.62 -3.83 4.40
N ILE A 25 4.60 -3.48 3.58
CA ILE A 25 5.29 -2.20 3.73
C ILE A 25 5.89 -1.78 2.39
N ILE A 26 6.42 -2.77 1.69
CA ILE A 26 7.03 -2.52 0.39
C ILE A 26 6.54 -3.57 -0.61
N GLN A 27 5.30 -3.99 -0.41
CA GLN A 27 4.70 -4.97 -1.29
C GLN A 27 5.39 -6.34 -1.10
N ARG A 28 6.34 -6.36 -0.19
CA ARG A 28 7.09 -7.57 0.10
C ARG A 28 8.36 -7.26 0.88
N MET A 29 8.23 -6.29 1.78
CA MET A 29 9.35 -5.88 2.60
C MET A 29 10.11 -7.10 3.15
N HIS A 30 9.39 -8.20 3.25
CA HIS A 30 9.97 -9.43 3.76
C HIS A 30 8.86 -10.44 4.04
N LEU A 31 7.90 -10.49 3.13
CA LEU A 31 6.78 -11.41 3.26
C LEU A 31 7.32 -12.84 3.34
N ARG A 32 6.43 -13.79 3.00
CA ARG A 32 6.80 -15.19 3.03
C ARG A 32 5.55 -16.06 3.11
N GLN A 33 4.64 -15.65 3.98
CA GLN A 33 3.40 -16.38 4.17
C GLN A 33 2.46 -16.14 2.98
N TYR A 34 3.01 -16.31 1.78
CA TYR A 34 2.24 -16.13 0.57
C TYR A 34 1.18 -17.22 0.42
N GLU A 35 0.41 -17.41 1.49
CA GLU A 35 -0.63 -18.43 1.48
C GLU A 35 -1.61 -18.17 0.34
N LEU A 36 -2.79 -18.76 0.47
CA LEU A 36 -3.82 -18.61 -0.55
C LEU A 36 -3.77 -17.19 -1.11
N LEU A 37 -3.43 -16.26 -0.23
CA LEU A 37 -3.34 -14.86 -0.62
C LEU A 37 -2.77 -14.76 -2.03
N ARG A 1 -3.15 -4.82 -14.86
CA ARG A 1 -3.66 -5.95 -14.10
C ARG A 1 -3.15 -5.90 -12.66
N GLN A 2 -3.25 -4.70 -12.08
CA GLN A 2 -2.80 -4.50 -10.71
C GLN A 2 -3.92 -3.89 -9.87
N ILE A 3 -4.96 -4.68 -9.65
CA ILE A 3 -6.10 -4.23 -8.88
C ILE A 3 -5.91 -4.66 -7.41
N LYS A 4 -4.78 -5.28 -7.16
CA LYS A 4 -4.47 -5.74 -5.81
C LYS A 4 -3.66 -4.65 -5.08
N ILE A 5 -3.53 -3.52 -5.74
CA ILE A 5 -2.79 -2.40 -5.16
C ILE A 5 -3.75 -1.52 -4.37
N TRP A 6 -4.64 -2.18 -3.63
CA TRP A 6 -5.60 -1.46 -2.82
C TRP A 6 -4.86 -0.37 -2.04
N PHE A 7 -3.58 -0.63 -1.81
CA PHE A 7 -2.74 0.32 -1.08
C PHE A 7 -2.12 1.34 -2.02
N GLN A 8 -2.90 1.72 -3.03
CA GLN A 8 -2.44 2.69 -4.00
C GLN A 8 -3.55 2.99 -5.02
N ASN A 9 -4.77 3.00 -4.52
CA ASN A 9 -5.92 3.28 -5.37
C ASN A 9 -6.74 4.41 -4.76
N ARG A 10 -6.58 5.59 -5.33
CA ARG A 10 -7.29 6.76 -4.85
C ARG A 10 -7.08 7.94 -5.81
N ARG A 11 -5.87 8.02 -6.33
CA ARG A 11 -5.53 9.09 -7.26
C ARG A 11 -5.46 10.42 -6.52
N MET A 12 -6.45 10.65 -5.67
CA MET A 12 -6.52 11.87 -4.90
C MET A 12 -5.50 11.87 -3.75
N LYS A 13 -4.67 10.83 -3.76
CA LYS A 13 -3.66 10.69 -2.73
C LYS A 13 -2.91 9.37 -2.93
N TRP A 14 -2.21 9.30 -4.06
CA TRP A 14 -1.45 8.11 -4.40
C TRP A 14 -0.24 8.04 -3.45
N LYS A 15 -0.54 8.01 -2.17
CA LYS A 15 0.51 7.94 -1.16
C LYS A 15 -0.13 7.83 0.22
N LYS A 16 0.38 8.64 1.14
CA LYS A 16 -0.13 8.65 2.50
C LYS A 16 0.60 7.59 3.32
N ARG A 17 0.58 6.37 2.80
CA ARG A 17 1.24 5.26 3.47
C ARG A 17 1.54 4.14 2.46
N VAL A 18 1.68 4.53 1.21
CA VAL A 18 1.97 3.58 0.15
C VAL A 18 3.43 3.15 0.25
N PHE A 19 4.31 4.13 0.16
CA PHE A 19 5.74 3.86 0.24
C PHE A 19 6.07 2.98 1.45
N ASN A 20 5.16 2.99 2.40
CA ASN A 20 5.34 2.20 3.61
C ASN A 20 4.82 0.78 3.38
N ASP A 21 3.61 0.70 2.84
CA ASP A 21 2.99 -0.58 2.56
C ASP A 21 3.41 -1.05 1.16
N ALA A 22 4.53 -0.49 0.69
CA ALA A 22 5.04 -0.83 -0.62
C ALA A 22 4.77 -2.31 -0.90
N ARG A 23 4.95 -3.12 0.14
CA ARG A 23 4.73 -4.55 0.02
C ARG A 23 5.27 -5.28 1.26
N ASP A 24 5.00 -4.69 2.41
CA ASP A 24 5.45 -5.26 3.66
C ASP A 24 4.50 -4.84 4.79
N ILE A 25 4.51 -3.54 5.08
CA ILE A 25 3.66 -3.00 6.12
C ILE A 25 4.18 -1.63 6.53
N ILE A 26 5.49 -1.57 6.76
CA ILE A 26 6.12 -0.33 7.16
C ILE A 26 7.42 -0.15 6.37
N GLN A 27 7.41 -0.68 5.16
CA GLN A 27 8.59 -0.59 4.29
C GLN A 27 9.74 -1.42 4.86
N ARG A 28 9.46 -2.04 6.00
CA ARG A 28 10.47 -2.86 6.65
C ARG A 28 9.88 -3.53 7.89
N MET A 29 8.56 -3.68 7.88
CA MET A 29 7.86 -4.30 9.00
C MET A 29 8.55 -3.96 10.33
N HIS A 30 9.08 -2.76 10.39
CA HIS A 30 9.78 -2.31 11.59
C HIS A 30 11.04 -3.13 11.80
N LEU A 31 11.86 -3.16 10.77
CA LEU A 31 13.11 -3.91 10.82
C LEU A 31 14.26 -2.95 11.14
N ARG A 32 15.47 -3.47 10.98
CA ARG A 32 16.67 -2.68 11.25
C ARG A 32 17.90 -3.36 10.65
N GLN A 33 17.76 -3.76 9.40
CA GLN A 33 18.86 -4.43 8.72
C GLN A 33 19.42 -5.57 9.57
N TYR A 34 18.58 -6.57 9.78
CA TYR A 34 18.97 -7.71 10.59
C TYR A 34 19.86 -8.66 9.78
N GLU A 35 19.96 -8.38 8.49
CA GLU A 35 20.77 -9.20 7.60
C GLU A 35 22.25 -8.89 7.81
N LEU A 36 23.08 -9.80 7.32
CA LEU A 36 24.53 -9.64 7.45
C LEU A 36 24.95 -9.95 8.88
N LEU A 37 24.11 -9.51 9.82
CA LEU A 37 24.39 -9.74 11.22
C LEU A 37 24.79 -11.20 11.44
N ARG A 1 6.67 0.06 -24.12
CA ARG A 1 5.32 0.59 -24.14
C ARG A 1 4.34 -0.43 -23.55
N GLN A 2 4.84 -1.20 -22.60
CA GLN A 2 4.02 -2.21 -21.96
C GLN A 2 4.71 -2.70 -20.67
N ILE A 3 5.11 -1.75 -19.86
CA ILE A 3 5.77 -2.07 -18.60
C ILE A 3 4.73 -2.25 -17.51
N LYS A 4 3.47 -1.99 -17.88
CA LYS A 4 2.37 -2.13 -16.95
C LYS A 4 2.61 -1.20 -15.74
N ILE A 5 3.45 -0.21 -15.97
CA ILE A 5 3.78 0.74 -14.92
C ILE A 5 3.28 0.21 -13.58
N TRP A 6 3.90 -0.88 -13.14
CA TRP A 6 3.53 -1.51 -11.88
C TRP A 6 3.91 -0.54 -10.75
N PHE A 7 5.09 0.05 -10.90
CA PHE A 7 5.57 0.99 -9.90
C PHE A 7 4.98 2.38 -10.12
N GLN A 8 3.67 2.41 -10.35
CA GLN A 8 2.97 3.66 -10.57
C GLN A 8 1.54 3.39 -11.06
N ASN A 9 0.93 2.38 -10.46
CA ASN A 9 -0.43 2.02 -10.82
C ASN A 9 -1.22 1.71 -9.54
N ARG A 10 -0.87 2.43 -8.47
CA ARG A 10 -1.53 2.24 -7.20
C ARG A 10 -1.16 3.37 -6.24
N ARG A 11 0.11 3.75 -6.29
CA ARG A 11 0.61 4.81 -5.43
C ARG A 11 -0.08 6.15 -5.78
N MET A 12 -0.80 6.12 -6.89
CA MET A 12 -1.50 7.31 -7.34
C MET A 12 -2.90 7.40 -6.70
N LYS A 13 -3.00 6.82 -5.52
CA LYS A 13 -4.26 6.83 -4.79
C LYS A 13 -3.99 7.00 -3.30
N TRP A 14 -3.43 5.95 -2.71
CA TRP A 14 -3.11 5.98 -1.30
C TRP A 14 -1.69 6.54 -1.14
N LYS A 15 -1.45 7.63 -1.83
CA LYS A 15 -0.13 8.26 -1.78
C LYS A 15 0.07 8.90 -0.40
N LYS A 16 0.04 8.05 0.62
CA LYS A 16 0.22 8.51 1.98
C LYS A 16 0.33 7.30 2.92
N ARG A 17 0.94 6.25 2.40
CA ARG A 17 1.11 5.04 3.18
C ARG A 17 1.81 3.97 2.34
N VAL A 18 1.49 3.96 1.05
CA VAL A 18 2.07 3.00 0.13
C VAL A 18 3.59 2.92 0.38
N PHE A 19 4.23 4.07 0.35
CA PHE A 19 5.66 4.14 0.57
C PHE A 19 6.06 3.35 1.81
N ASN A 20 5.09 3.14 2.69
CA ASN A 20 5.34 2.40 3.91
C ASN A 20 5.36 0.90 3.59
N ASP A 21 4.29 0.46 2.95
CA ASP A 21 4.17 -0.95 2.59
C ASP A 21 5.44 -1.39 1.86
N ALA A 22 5.74 -0.70 0.77
CA ALA A 22 6.92 -1.00 -0.02
C ALA A 22 8.16 -0.98 0.89
N ARG A 23 8.00 -0.31 2.03
CA ARG A 23 9.09 -0.20 2.98
C ARG A 23 9.02 -1.34 4.00
N ASP A 24 9.05 -2.56 3.48
CA ASP A 24 8.97 -3.74 4.33
C ASP A 24 9.80 -4.86 3.69
N ILE A 25 9.20 -5.49 2.69
CA ILE A 25 9.86 -6.59 1.99
C ILE A 25 9.34 -6.65 0.56
N ILE A 26 8.04 -6.88 0.43
CA ILE A 26 7.41 -6.97 -0.87
C ILE A 26 6.09 -6.20 -0.85
N GLN A 27 6.16 -4.97 -0.34
CA GLN A 27 4.99 -4.12 -0.25
C GLN A 27 3.94 -4.76 0.66
N ARG A 28 4.34 -5.85 1.30
CA ARG A 28 3.44 -6.56 2.19
C ARG A 28 2.29 -7.19 1.41
N MET A 29 2.66 -8.04 0.47
CA MET A 29 1.68 -8.72 -0.36
C MET A 29 2.24 -10.03 -0.92
N HIS A 30 3.47 -9.94 -1.42
CA HIS A 30 4.13 -11.10 -1.98
C HIS A 30 5.14 -11.67 -0.98
N LEU A 31 5.10 -11.12 0.23
CA LEU A 31 5.99 -11.56 1.28
C LEU A 31 5.84 -13.07 1.48
N ARG A 32 6.41 -13.55 2.57
CA ARG A 32 6.34 -14.97 2.88
C ARG A 32 6.36 -15.18 4.40
N GLN A 33 5.97 -14.14 5.11
CA GLN A 33 5.93 -14.20 6.57
C GLN A 33 7.14 -14.97 7.09
N TYR A 34 8.32 -14.52 6.69
CA TYR A 34 9.55 -15.17 7.11
C TYR A 34 9.75 -15.03 8.63
N GLU A 35 8.90 -14.22 9.23
CA GLU A 35 8.97 -13.99 10.67
C GLU A 35 8.29 -15.15 11.41
N LEU A 36 8.18 -14.98 12.72
CA LEU A 36 7.56 -15.99 13.55
C LEU A 36 7.93 -17.38 13.03
N LEU A 37 9.04 -17.42 12.31
CA LEU A 37 9.51 -18.67 11.74
C LEU A 37 10.84 -19.05 12.39
N ARG A 1 -0.53 25.68 4.01
CA ARG A 1 -0.99 25.27 5.33
C ARG A 1 -2.07 24.18 5.18
N GLN A 2 -1.81 23.25 4.27
CA GLN A 2 -2.75 22.16 4.04
C GLN A 2 -1.98 20.85 3.85
N ILE A 3 -1.05 20.61 4.75
CA ILE A 3 -0.25 19.39 4.70
C ILE A 3 -0.85 18.34 5.65
N LYS A 4 -1.96 18.71 6.25
CA LYS A 4 -2.64 17.83 7.19
C LYS A 4 -3.79 17.12 6.46
N ILE A 5 -3.83 17.31 5.15
CA ILE A 5 -4.88 16.70 4.34
C ILE A 5 -4.35 15.40 3.73
N TRP A 6 -3.03 15.27 3.73
CA TRP A 6 -2.39 14.09 3.18
C TRP A 6 -2.98 13.84 1.80
N PHE A 7 -4.07 13.09 1.77
CA PHE A 7 -4.73 12.76 0.52
C PHE A 7 -4.74 13.97 -0.43
N GLN A 8 -4.70 15.15 0.18
CA GLN A 8 -4.70 16.39 -0.60
C GLN A 8 -3.33 17.06 -0.51
N ASN A 9 -2.30 16.28 -0.85
CA ASN A 9 -0.94 16.79 -0.81
C ASN A 9 -0.18 16.26 -2.03
N ARG A 10 -0.94 15.74 -2.99
CA ARG A 10 -0.36 15.19 -4.20
C ARG A 10 -1.45 14.87 -5.22
N ARG A 11 -2.57 14.41 -4.71
CA ARG A 11 -3.71 14.07 -5.56
C ARG A 11 -3.37 12.85 -6.43
N MET A 12 -2.21 12.92 -7.07
CA MET A 12 -1.77 11.82 -7.92
C MET A 12 -1.48 10.56 -7.09
N LYS A 13 -1.70 10.68 -5.79
CA LYS A 13 -1.47 9.58 -4.89
C LYS A 13 -1.92 9.96 -3.48
N TRP A 14 -3.22 10.12 -3.33
CA TRP A 14 -3.79 10.50 -2.04
C TRP A 14 -3.65 9.29 -1.10
N LYS A 15 -2.41 8.87 -0.91
CA LYS A 15 -2.12 7.75 -0.04
C LYS A 15 -0.66 7.80 0.40
N LYS A 16 -0.46 8.33 1.60
CA LYS A 16 0.88 8.44 2.15
C LYS A 16 1.19 7.21 2.99
N ARG A 17 0.53 6.11 2.65
CA ARG A 17 0.72 4.86 3.37
C ARG A 17 1.38 3.82 2.45
N VAL A 18 1.10 3.96 1.17
CA VAL A 18 1.65 3.04 0.18
C VAL A 18 3.16 2.90 0.42
N PHE A 19 3.81 4.04 0.62
CA PHE A 19 5.24 4.05 0.85
C PHE A 19 5.61 3.18 2.05
N ASN A 20 4.60 2.92 2.88
CA ASN A 20 4.81 2.10 4.06
C ASN A 20 4.98 0.64 3.64
N ASP A 21 3.98 0.14 2.95
CA ASP A 21 4.01 -1.24 2.48
C ASP A 21 5.33 -1.51 1.77
N ALA A 22 5.60 -0.67 0.77
CA ALA A 22 6.84 -0.81 0.00
C ALA A 22 8.03 -0.80 0.96
N ARG A 23 7.79 -0.27 2.15
CA ARG A 23 8.83 -0.20 3.16
C ARG A 23 8.81 -1.45 4.04
N ASP A 24 8.94 -2.60 3.38
CA ASP A 24 8.95 -3.87 4.09
C ASP A 24 9.90 -4.83 3.40
N ILE A 25 9.43 -5.40 2.29
CA ILE A 25 10.23 -6.33 1.52
C ILE A 25 9.88 -6.20 0.05
N ILE A 26 8.61 -6.45 -0.27
CA ILE A 26 8.15 -6.36 -1.64
C ILE A 26 6.79 -5.65 -1.67
N GLN A 27 6.63 -4.71 -0.75
CA GLN A 27 5.40 -3.95 -0.66
C GLN A 27 4.25 -4.88 -0.21
N ARG A 28 4.57 -6.15 -0.10
CA ARG A 28 3.58 -7.13 0.32
C ARG A 28 4.27 -8.43 0.73
N MET A 29 5.57 -8.34 0.96
CA MET A 29 6.35 -9.49 1.36
C MET A 29 6.33 -10.57 0.28
N HIS A 30 5.13 -11.00 -0.06
CA HIS A 30 4.96 -12.03 -1.08
C HIS A 30 3.46 -12.25 -1.33
N LEU A 31 2.68 -11.23 -1.03
CA LEU A 31 1.25 -11.31 -1.21
C LEU A 31 0.90 -10.94 -2.66
N ARG A 32 -0.37 -10.66 -2.88
CA ARG A 32 -0.84 -10.30 -4.22
C ARG A 32 -1.43 -8.89 -4.20
N GLN A 33 -0.70 -7.99 -3.58
CA GLN A 33 -1.14 -6.60 -3.48
C GLN A 33 -0.65 -5.81 -4.70
N TYR A 34 -0.75 -6.44 -5.85
CA TYR A 34 -0.32 -5.80 -7.10
C TYR A 34 -1.23 -4.63 -7.45
N GLU A 35 -2.31 -4.51 -6.69
CA GLU A 35 -3.26 -3.43 -6.91
C GLU A 35 -2.69 -2.10 -6.40
N LEU A 36 -3.31 -1.02 -6.85
CA LEU A 36 -2.87 0.31 -6.46
C LEU A 36 -1.58 0.66 -7.21
N LEU A 37 -0.72 -0.33 -7.33
CA LEU A 37 0.54 -0.15 -8.02
C LEU A 37 0.31 0.62 -9.33
N ARG A 1 -15.03 1.91 -19.73
CA ARG A 1 -13.65 1.56 -19.45
C ARG A 1 -13.05 2.55 -18.45
N GLN A 2 -13.58 2.51 -17.24
CA GLN A 2 -13.10 3.40 -16.18
C GLN A 2 -12.32 2.61 -15.14
N ILE A 3 -11.33 1.88 -15.62
CA ILE A 3 -10.50 1.07 -14.73
C ILE A 3 -9.18 1.81 -14.46
N LYS A 4 -9.14 3.06 -14.90
CA LYS A 4 -7.96 3.89 -14.73
C LYS A 4 -8.25 4.95 -13.67
N ILE A 5 -9.29 4.71 -12.89
CA ILE A 5 -9.69 5.64 -11.85
C ILE A 5 -9.01 5.24 -10.53
N TRP A 6 -7.86 4.57 -10.67
CA TRP A 6 -7.12 4.13 -9.51
C TRP A 6 -5.90 5.05 -9.36
N PHE A 7 -5.41 5.14 -8.13
CA PHE A 7 -4.25 5.96 -7.85
C PHE A 7 -4.63 7.44 -7.85
N GLN A 8 -5.86 7.71 -8.25
CA GLN A 8 -6.35 9.08 -8.31
C GLN A 8 -7.87 9.10 -8.10
N ASN A 9 -8.38 8.00 -7.57
CA ASN A 9 -9.80 7.88 -7.31
C ASN A 9 -10.23 8.96 -6.31
N ARG A 10 -9.77 8.78 -5.07
CA ARG A 10 -10.08 9.72 -4.01
C ARG A 10 -9.38 9.31 -2.71
N ARG A 11 -8.23 8.69 -2.88
CA ARG A 11 -7.45 8.24 -1.73
C ARG A 11 -6.15 7.59 -2.20
N MET A 12 -6.24 6.90 -3.32
CA MET A 12 -5.08 6.22 -3.88
C MET A 12 -4.09 7.23 -4.47
N LYS A 13 -4.41 8.50 -4.31
CA LYS A 13 -3.56 9.56 -4.81
C LYS A 13 -2.56 9.97 -3.73
N TRP A 14 -3.08 10.51 -2.65
CA TRP A 14 -2.25 10.94 -1.53
C TRP A 14 -2.17 9.79 -0.53
N LYS A 15 -1.96 8.59 -1.07
CA LYS A 15 -1.85 7.41 -0.23
C LYS A 15 -1.08 7.76 1.05
N LYS A 16 0.24 7.76 0.91
CA LYS A 16 1.11 8.06 2.04
C LYS A 16 1.40 6.78 2.81
N ARG A 17 0.36 6.00 3.03
CA ARG A 17 0.49 4.75 3.76
C ARG A 17 1.07 3.66 2.84
N VAL A 18 0.93 3.90 1.55
CA VAL A 18 1.43 2.96 0.55
C VAL A 18 2.96 2.89 0.64
N PHE A 19 3.57 4.06 0.57
CA PHE A 19 5.02 4.15 0.64
C PHE A 19 5.56 3.37 1.84
N ASN A 20 4.67 3.15 2.81
CA ASN A 20 5.05 2.43 4.01
C ASN A 20 5.43 1.00 3.64
N ASP A 21 4.47 0.28 3.11
CA ASP A 21 4.69 -1.10 2.70
C ASP A 21 5.07 -1.14 1.22
N ALA A 22 5.28 0.04 0.66
CA ALA A 22 5.64 0.15 -0.74
C ALA A 22 6.64 -0.95 -1.09
N ARG A 23 7.66 -1.08 -0.26
CA ARG A 23 8.68 -2.09 -0.47
C ARG A 23 9.85 -1.87 0.50
N ASP A 24 9.50 -1.61 1.75
CA ASP A 24 10.51 -1.39 2.78
C ASP A 24 10.37 -2.46 3.86
N ILE A 25 9.14 -2.66 4.29
CA ILE A 25 8.87 -3.65 5.32
C ILE A 25 8.93 -2.98 6.70
N ILE A 26 9.69 -1.90 6.75
CA ILE A 26 9.86 -1.16 7.99
C ILE A 26 9.84 0.34 7.70
N GLN A 27 9.25 0.68 6.55
CA GLN A 27 9.16 2.07 6.14
C GLN A 27 10.54 2.62 5.82
N ARG A 28 11.52 1.72 5.82
CA ARG A 28 12.89 2.11 5.52
C ARG A 28 13.86 1.04 6.05
N MET A 29 13.47 -0.20 5.88
CA MET A 29 14.28 -1.31 6.33
C MET A 29 15.74 -1.13 5.89
N HIS A 30 15.91 -0.37 4.82
CA HIS A 30 17.24 -0.11 4.30
C HIS A 30 17.13 0.56 2.93
N LEU A 31 16.18 1.47 2.82
CA LEU A 31 15.96 2.19 1.58
C LEU A 31 17.24 2.92 1.18
N ARG A 32 17.07 3.95 0.36
CA ARG A 32 18.20 4.74 -0.10
C ARG A 32 17.72 5.85 -1.04
N GLN A 33 16.88 5.45 -1.98
CA GLN A 33 16.34 6.41 -2.94
C GLN A 33 17.45 6.88 -3.89
N TYR A 34 18.27 5.94 -4.31
CA TYR A 34 19.37 6.24 -5.21
C TYR A 34 18.84 6.65 -6.59
N GLU A 35 17.54 6.50 -6.76
CA GLU A 35 16.90 6.84 -8.02
C GLU A 35 16.76 8.35 -8.14
N LEU A 36 16.51 8.80 -9.36
CA LEU A 36 16.34 10.22 -9.63
C LEU A 36 17.71 10.90 -9.59
N LEU A 37 18.52 10.47 -8.64
CA LEU A 37 19.86 11.03 -8.47
C LEU A 37 20.53 11.14 -9.84
N ARG A 1 -9.82 21.47 -7.64
CA ARG A 1 -9.40 22.46 -8.61
C ARG A 1 -8.15 21.99 -9.36
N GLN A 2 -8.27 20.79 -9.92
CA GLN A 2 -7.16 20.21 -10.67
C GLN A 2 -7.69 19.31 -11.78
N ILE A 3 -8.64 19.84 -12.53
CA ILE A 3 -9.24 19.10 -13.63
C ILE A 3 -8.60 19.55 -14.95
N LYS A 4 -7.61 20.41 -14.82
CA LYS A 4 -6.90 20.93 -15.99
C LYS A 4 -5.41 21.03 -15.68
N ILE A 5 -5.00 20.30 -14.65
CA ILE A 5 -3.60 20.30 -14.24
C ILE A 5 -2.85 19.25 -15.05
N TRP A 6 -2.97 18.01 -14.63
CA TRP A 6 -2.31 16.90 -15.30
C TRP A 6 -0.82 16.97 -14.97
N PHE A 7 -0.21 18.09 -15.33
CA PHE A 7 1.20 18.29 -15.08
C PHE A 7 1.42 18.90 -13.69
N GLN A 8 0.60 18.47 -12.75
CA GLN A 8 0.69 18.96 -11.39
C GLN A 8 -0.44 18.38 -10.53
N ASN A 9 -0.74 17.11 -10.79
CA ASN A 9 -1.79 16.43 -10.06
C ASN A 9 -1.21 15.19 -9.38
N ARG A 10 -1.06 15.29 -8.07
CA ARG A 10 -0.52 14.19 -7.29
C ARG A 10 -0.39 14.58 -5.82
N ARG A 11 -0.06 15.85 -5.61
CA ARG A 11 0.11 16.38 -4.27
C ARG A 11 -1.19 16.23 -3.48
N MET A 12 -2.26 15.96 -4.20
CA MET A 12 -3.57 15.79 -3.59
C MET A 12 -3.68 14.43 -2.91
N LYS A 13 -2.62 13.64 -3.04
CA LYS A 13 -2.59 12.31 -2.45
C LYS A 13 -1.28 11.61 -2.84
N TRP A 14 -0.20 12.10 -2.26
CA TRP A 14 1.11 11.53 -2.53
C TRP A 14 1.23 10.23 -1.75
N LYS A 15 0.29 9.33 -2.01
CA LYS A 15 0.29 8.04 -1.34
C LYS A 15 0.15 6.93 -2.39
N LYS A 16 0.51 7.27 -3.61
CA LYS A 16 0.44 6.31 -4.71
C LYS A 16 1.64 5.38 -4.66
N ARG A 17 1.78 4.71 -3.52
CA ARG A 17 2.88 3.79 -3.31
C ARG A 17 2.74 3.08 -1.97
N VAL A 18 2.29 3.84 -0.97
CA VAL A 18 2.10 3.30 0.35
C VAL A 18 1.10 2.14 0.30
N PHE A 19 -0.05 2.43 -0.26
CA PHE A 19 -1.10 1.43 -0.39
C PHE A 19 -0.58 0.17 -1.07
N ASN A 20 0.51 0.35 -1.82
CA ASN A 20 1.11 -0.76 -2.53
C ASN A 20 1.10 -2.01 -1.64
N ASP A 21 1.97 -1.98 -0.63
CA ASP A 21 2.07 -3.10 0.30
C ASP A 21 1.21 -2.80 1.52
N ALA A 22 0.21 -1.96 1.32
CA ALA A 22 -0.70 -1.59 2.40
C ALA A 22 0.12 -1.32 3.66
N ARG A 23 1.36 -0.93 3.46
CA ARG A 23 2.25 -0.63 4.57
C ARG A 23 2.61 -1.92 5.32
N ASP A 24 2.96 -2.94 4.55
CA ASP A 24 3.33 -4.22 5.12
C ASP A 24 4.71 -4.62 4.60
N ILE A 25 4.72 -5.15 3.38
CA ILE A 25 5.97 -5.57 2.77
C ILE A 25 5.78 -5.67 1.26
N ILE A 26 4.92 -6.60 0.86
CA ILE A 26 4.64 -6.81 -0.55
C ILE A 26 3.13 -6.98 -0.74
N GLN A 27 2.37 -6.16 -0.04
CA GLN A 27 0.92 -6.21 -0.12
C GLN A 27 0.41 -7.53 0.45
N ARG A 28 1.32 -8.29 1.03
CA ARG A 28 0.98 -9.58 1.61
C ARG A 28 0.68 -10.60 0.51
N MET A 29 1.60 -10.70 -0.44
CA MET A 29 1.45 -11.62 -1.54
C MET A 29 2.76 -12.37 -1.82
N HIS A 30 3.85 -11.62 -1.77
CA HIS A 30 5.16 -12.19 -2.01
C HIS A 30 5.98 -12.16 -0.72
N LEU A 31 5.30 -11.83 0.36
CA LEU A 31 5.95 -11.77 1.66
C LEU A 31 6.57 -13.13 1.99
N ARG A 32 6.78 -13.35 3.27
CA ARG A 32 7.38 -14.60 3.73
C ARG A 32 7.59 -14.56 5.24
N GLN A 33 6.49 -14.38 5.96
CA GLN A 33 6.55 -14.31 7.42
C GLN A 33 6.10 -15.64 8.02
N TYR A 34 6.73 -16.72 7.57
CA TYR A 34 6.40 -18.04 8.06
C TYR A 34 6.77 -18.20 9.53
N GLU A 35 7.46 -17.18 10.04
CA GLU A 35 7.88 -17.20 11.44
C GLU A 35 6.67 -17.37 12.36
N LEU A 36 5.52 -17.00 11.84
CA LEU A 36 4.28 -17.10 12.60
C LEU A 36 3.31 -18.04 11.86
N LEU A 37 3.68 -18.37 10.63
CA LEU A 37 2.85 -19.24 9.82
C LEU A 37 1.38 -18.92 10.06
N ARG A 1 -16.75 -0.56 -11.51
CA ARG A 1 -16.42 -1.08 -12.82
C ARG A 1 -15.02 -0.61 -13.24
N GLN A 2 -14.37 0.11 -12.33
CA GLN A 2 -13.04 0.62 -12.59
C GLN A 2 -12.08 0.17 -11.49
N ILE A 3 -12.07 -1.13 -11.24
CA ILE A 3 -11.21 -1.69 -10.22
C ILE A 3 -9.91 -2.17 -10.88
N LYS A 4 -9.82 -1.95 -12.17
CA LYS A 4 -8.63 -2.34 -12.92
C LYS A 4 -7.67 -1.15 -13.00
N ILE A 5 -8.02 -0.10 -12.29
CA ILE A 5 -7.19 1.10 -12.27
C ILE A 5 -6.40 1.15 -10.96
N TRP A 6 -5.79 0.02 -10.64
CA TRP A 6 -5.00 -0.08 -9.43
C TRP A 6 -3.91 0.99 -9.48
N PHE A 7 -3.29 1.09 -10.64
CA PHE A 7 -2.22 2.06 -10.85
C PHE A 7 -2.75 3.48 -10.72
N GLN A 8 -4.08 3.59 -10.67
CA GLN A 8 -4.73 4.88 -10.56
C GLN A 8 -6.10 4.73 -9.92
N ASN A 9 -6.10 4.33 -8.66
CA ASN A 9 -7.34 4.13 -7.93
C ASN A 9 -7.45 5.21 -6.84
N ARG A 10 -6.74 4.96 -5.74
CA ARG A 10 -6.75 5.89 -4.63
C ARG A 10 -5.38 5.90 -3.94
N ARG A 11 -4.44 5.19 -4.54
CA ARG A 11 -3.10 5.11 -4.00
C ARG A 11 -2.10 5.77 -4.96
N MET A 12 -2.62 6.19 -6.10
CA MET A 12 -1.79 6.83 -7.11
C MET A 12 -1.74 8.33 -6.90
N LYS A 13 -2.11 8.75 -5.70
CA LYS A 13 -2.11 10.15 -5.35
C LYS A 13 -2.24 10.31 -3.83
N TRP A 14 -3.34 9.78 -3.31
CA TRP A 14 -3.61 9.84 -1.89
C TRP A 14 -2.79 8.74 -1.21
N LYS A 15 -1.48 8.83 -1.37
CA LYS A 15 -0.58 7.84 -0.77
C LYS A 15 -1.12 7.44 0.61
N LYS A 16 -1.84 6.33 0.63
CA LYS A 16 -2.40 5.82 1.85
C LYS A 16 -1.37 4.96 2.58
N ARG A 17 -0.14 5.46 2.61
CA ARG A 17 0.94 4.75 3.27
C ARG A 17 1.62 3.81 2.28
N VAL A 18 1.60 4.20 1.01
CA VAL A 18 2.21 3.40 -0.03
C VAL A 18 3.71 3.29 0.23
N PHE A 19 4.34 4.45 0.35
CA PHE A 19 5.78 4.50 0.60
C PHE A 19 6.15 3.70 1.86
N ASN A 20 5.13 3.45 2.67
CA ASN A 20 5.33 2.70 3.90
C ASN A 20 5.24 1.21 3.60
N ASP A 21 4.15 0.83 2.93
CA ASP A 21 3.94 -0.56 2.58
C ASP A 21 4.60 -0.85 1.22
N ALA A 22 5.57 -0.02 0.88
CA ALA A 22 6.29 -0.17 -0.37
C ALA A 22 6.46 -1.65 -0.67
N ARG A 23 6.62 -2.43 0.39
CA ARG A 23 6.79 -3.87 0.25
C ARG A 23 7.42 -4.45 1.52
N ASP A 24 6.90 -4.02 2.66
CA ASP A 24 7.39 -4.48 3.93
C ASP A 24 6.27 -4.39 4.98
N ILE A 25 5.90 -3.16 5.28
CA ILE A 25 4.85 -2.92 6.25
C ILE A 25 4.93 -1.47 6.74
N ILE A 26 6.15 -1.04 7.00
CA ILE A 26 6.38 0.32 7.47
C ILE A 26 7.60 0.90 6.76
N GLN A 27 7.97 0.26 5.66
CA GLN A 27 9.11 0.71 4.89
C GLN A 27 10.40 0.54 5.69
N ARG A 28 10.25 -0.07 6.85
CA ARG A 28 11.39 -0.31 7.72
C ARG A 28 10.92 -0.70 9.12
N MET A 29 9.90 -1.55 9.15
CA MET A 29 9.35 -2.01 10.41
C MET A 29 10.36 -2.87 11.17
N HIS A 30 11.62 -2.69 10.83
CA HIS A 30 12.68 -3.45 11.47
C HIS A 30 12.98 -4.70 10.65
N LEU A 31 12.96 -4.54 9.34
CA LEU A 31 13.22 -5.65 8.44
C LEU A 31 14.73 -5.79 8.23
N ARG A 32 15.18 -5.34 7.07
CA ARG A 32 16.58 -5.41 6.73
C ARG A 32 16.86 -6.62 5.84
N GLN A 33 15.78 -7.24 5.39
CA GLN A 33 15.89 -8.41 4.53
C GLN A 33 14.52 -8.82 4.01
N TYR A 34 14.19 -8.30 2.84
CA TYR A 34 12.92 -8.59 2.22
C TYR A 34 12.98 -9.91 1.42
N GLU A 35 13.60 -10.91 2.04
CA GLU A 35 13.74 -12.20 1.40
C GLU A 35 12.37 -12.75 1.03
N LEU A 36 12.34 -14.06 0.81
CA LEU A 36 11.10 -14.73 0.45
C LEU A 36 9.93 -14.08 1.19
N LEU A 37 10.23 -13.64 2.41
CA LEU A 37 9.21 -13.00 3.23
C LEU A 37 8.32 -12.12 2.35
N ARG A 1 -14.06 -4.85 -0.45
CA ARG A 1 -14.80 -3.63 -0.72
C ARG A 1 -15.02 -3.46 -2.23
N GLN A 2 -15.85 -4.33 -2.78
CA GLN A 2 -16.15 -4.29 -4.20
C GLN A 2 -17.52 -3.64 -4.44
N ILE A 3 -17.56 -2.34 -4.18
CA ILE A 3 -18.80 -1.59 -4.36
C ILE A 3 -18.89 -1.12 -5.81
N LYS A 4 -18.13 -1.79 -6.67
CA LYS A 4 -18.12 -1.44 -8.08
C LYS A 4 -17.08 -0.35 -8.33
N ILE A 5 -16.37 -0.01 -7.27
CA ILE A 5 -15.34 1.02 -7.36
C ILE A 5 -13.96 0.36 -7.26
N TRP A 6 -13.97 -0.97 -7.28
CA TRP A 6 -12.73 -1.72 -7.19
C TRP A 6 -11.65 -0.94 -7.93
N PHE A 7 -11.95 -0.63 -9.19
CA PHE A 7 -11.00 0.11 -10.01
C PHE A 7 -10.35 1.24 -9.22
N GLN A 8 -11.19 1.98 -8.50
CA GLN A 8 -10.70 3.09 -7.70
C GLN A 8 -10.94 2.82 -6.22
N ASN A 9 -10.94 1.53 -5.88
CA ASN A 9 -11.16 1.13 -4.50
C ASN A 9 -10.61 2.21 -3.56
N ARG A 10 -9.29 2.30 -3.53
CA ARG A 10 -8.62 3.28 -2.69
C ARG A 10 -7.11 3.04 -2.68
N ARG A 11 -6.73 1.80 -2.96
CA ARG A 11 -5.33 1.44 -3.00
C ARG A 11 -4.70 1.85 -4.33
N MET A 12 -5.48 2.59 -5.11
CA MET A 12 -5.02 3.06 -6.40
C MET A 12 -4.29 4.41 -6.26
N LYS A 13 -3.70 4.61 -5.10
CA LYS A 13 -2.97 5.84 -4.83
C LYS A 13 -1.87 5.57 -3.81
N TRP A 14 -2.30 5.38 -2.57
CA TRP A 14 -1.37 5.12 -1.49
C TRP A 14 -0.92 3.65 -1.59
N LYS A 15 -0.34 3.33 -2.75
CA LYS A 15 0.12 1.97 -3.00
C LYS A 15 0.83 1.92 -4.35
N LYS A 16 1.68 2.90 -4.58
CA LYS A 16 2.43 2.98 -5.82
C LYS A 16 3.72 2.17 -5.69
N ARG A 17 4.28 2.21 -4.49
CA ARG A 17 5.52 1.49 -4.22
C ARG A 17 6.02 1.82 -2.81
N VAL A 18 5.76 3.05 -2.39
CA VAL A 18 6.18 3.50 -1.08
C VAL A 18 5.16 3.04 -0.03
N PHE A 19 3.95 3.57 -0.16
CA PHE A 19 2.89 3.23 0.76
C PHE A 19 2.76 1.72 0.92
N ASN A 20 3.31 1.00 -0.06
CA ASN A 20 3.27 -0.45 -0.04
C ASN A 20 4.28 -0.97 0.98
N ASP A 21 5.52 -0.55 0.80
CA ASP A 21 6.60 -0.96 1.69
C ASP A 21 6.50 -0.16 2.99
N ALA A 22 5.27 0.14 3.38
CA ALA A 22 5.04 0.90 4.60
C ALA A 22 5.73 0.19 5.78
N ARG A 23 5.81 -1.13 5.66
CA ARG A 23 6.44 -1.92 6.71
C ARG A 23 7.18 -3.11 6.09
N ASP A 24 7.55 -2.95 4.83
CA ASP A 24 8.26 -4.00 4.11
C ASP A 24 7.84 -3.97 2.64
N ILE A 25 6.61 -4.43 2.40
CA ILE A 25 6.09 -4.47 1.05
C ILE A 25 4.59 -4.16 1.08
N ILE A 26 3.91 -4.77 2.04
CA ILE A 26 2.48 -4.57 2.19
C ILE A 26 2.15 -4.39 3.67
N GLN A 27 2.88 -3.48 4.30
CA GLN A 27 2.67 -3.20 5.71
C GLN A 27 2.80 -4.48 6.53
N ARG A 28 3.34 -5.51 5.88
CA ARG A 28 3.52 -6.79 6.54
C ARG A 28 2.15 -7.41 6.88
N MET A 29 1.27 -7.37 5.89
CA MET A 29 -0.07 -7.92 6.08
C MET A 29 -0.39 -8.92 4.96
N HIS A 30 0.03 -8.58 3.75
CA HIS A 30 -0.22 -9.42 2.60
C HIS A 30 1.10 -9.74 1.91
N LEU A 31 2.19 -9.44 2.60
CA LEU A 31 3.51 -9.69 2.06
C LEU A 31 3.66 -11.17 1.72
N ARG A 32 4.91 -11.61 1.64
CA ARG A 32 5.19 -13.00 1.32
C ARG A 32 6.69 -13.29 1.50
N GLN A 33 7.49 -12.41 0.94
CA GLN A 33 8.94 -12.55 1.02
C GLN A 33 9.35 -13.97 0.63
N TYR A 34 9.25 -14.25 -0.66
CA TYR A 34 9.61 -15.55 -1.18
C TYR A 34 11.13 -15.72 -1.24
N GLU A 35 11.77 -15.44 -0.11
CA GLU A 35 13.20 -15.56 -0.01
C GLU A 35 13.65 -16.99 -0.37
N LEU A 36 14.86 -17.32 0.07
CA LEU A 36 15.40 -18.64 -0.21
C LEU A 36 14.31 -19.69 -0.01
N LEU A 37 13.37 -19.37 0.86
CA LEU A 37 12.27 -20.26 1.14
C LEU A 37 11.82 -20.95 -0.16
N ARG A 1 -11.33 7.97 -17.53
CA ARG A 1 -11.88 7.20 -16.43
C ARG A 1 -11.75 7.96 -15.11
N GLN A 2 -12.83 8.64 -14.76
CA GLN A 2 -12.86 9.41 -13.53
C GLN A 2 -14.24 9.37 -12.89
N ILE A 3 -14.76 8.14 -12.76
CA ILE A 3 -16.07 7.95 -12.17
C ILE A 3 -15.93 7.70 -10.67
N LYS A 4 -14.68 7.72 -10.22
CA LYS A 4 -14.39 7.51 -8.81
C LYS A 4 -14.67 6.04 -8.46
N ILE A 5 -14.83 5.24 -9.50
CA ILE A 5 -15.11 3.82 -9.32
C ILE A 5 -15.74 3.60 -7.94
N TRP A 6 -16.71 4.45 -7.62
CA TRP A 6 -17.39 4.35 -6.35
C TRP A 6 -16.33 4.33 -5.25
N PHE A 7 -15.77 3.15 -5.02
CA PHE A 7 -14.75 2.98 -4.01
C PHE A 7 -13.62 4.01 -4.18
N GLN A 8 -13.60 4.62 -5.36
CA GLN A 8 -12.60 5.62 -5.66
C GLN A 8 -13.16 7.02 -5.47
N ASN A 9 -14.34 7.08 -4.87
CA ASN A 9 -15.00 8.34 -4.62
C ASN A 9 -14.58 8.88 -3.25
N ARG A 10 -13.30 8.70 -2.95
CA ARG A 10 -12.76 9.15 -1.68
C ARG A 10 -11.24 9.14 -1.72
N ARG A 11 -10.70 8.12 -2.37
CA ARG A 11 -9.25 7.98 -2.49
C ARG A 11 -8.63 7.73 -1.11
N MET A 12 -8.90 8.63 -0.20
CA MET A 12 -8.39 8.52 1.16
C MET A 12 -8.74 7.17 1.77
N LYS A 13 -9.58 6.43 1.06
CA LYS A 13 -10.01 5.12 1.51
C LYS A 13 -10.61 4.35 0.34
N TRP A 14 -9.75 3.94 -0.57
CA TRP A 14 -10.18 3.19 -1.73
C TRP A 14 -10.59 1.80 -1.28
N LYS A 15 -11.55 1.76 -0.37
CA LYS A 15 -12.04 0.51 0.17
C LYS A 15 -12.35 -0.44 -0.99
N LYS A 16 -11.47 -1.41 -1.18
CA LYS A 16 -11.63 -2.38 -2.25
C LYS A 16 -10.30 -3.10 -2.49
N ARG A 17 -9.22 -2.37 -2.27
CA ARG A 17 -7.89 -2.92 -2.45
C ARG A 17 -7.02 -2.64 -1.23
N VAL A 18 -7.64 -2.04 -0.22
CA VAL A 18 -6.94 -1.72 1.00
C VAL A 18 -6.38 -3.00 1.62
N PHE A 19 -7.27 -3.95 1.85
CA PHE A 19 -6.89 -5.23 2.43
C PHE A 19 -5.68 -5.83 1.69
N ASN A 20 -5.49 -5.36 0.46
CA ASN A 20 -4.40 -5.84 -0.35
C ASN A 20 -3.14 -5.01 -0.07
N ASP A 21 -3.36 -3.70 -0.02
CA ASP A 21 -2.27 -2.77 0.24
C ASP A 21 -2.09 -2.61 1.75
N ALA A 22 -2.56 -3.61 2.48
CA ALA A 22 -2.47 -3.58 3.93
C ALA A 22 -1.14 -2.93 4.34
N ARG A 23 -0.13 -3.15 3.51
CA ARG A 23 1.19 -2.60 3.79
C ARG A 23 2.26 -3.36 2.99
N ASP A 24 1.96 -3.58 1.72
CA ASP A 24 2.88 -4.29 0.85
C ASP A 24 2.55 -3.97 -0.61
N ILE A 25 1.44 -4.51 -1.06
CA ILE A 25 1.00 -4.28 -2.43
C ILE A 25 -0.12 -5.26 -2.78
N ILE A 26 0.05 -6.50 -2.32
CA ILE A 26 -0.93 -7.54 -2.57
C ILE A 26 -1.16 -8.33 -1.29
N GLN A 27 -0.92 -7.67 -0.17
CA GLN A 27 -1.10 -8.30 1.13
C GLN A 27 -0.09 -9.44 1.31
N ARG A 28 0.80 -9.56 0.33
CA ARG A 28 1.83 -10.59 0.37
C ARG A 28 2.56 -10.66 -0.97
N MET A 29 2.75 -9.49 -1.57
CA MET A 29 3.43 -9.41 -2.84
C MET A 29 4.59 -10.41 -2.91
N HIS A 30 5.15 -10.69 -1.75
CA HIS A 30 6.25 -11.63 -1.68
C HIS A 30 6.62 -11.88 -0.21
N LEU A 31 5.59 -11.84 0.63
CA LEU A 31 5.78 -12.06 2.05
C LEU A 31 5.40 -13.50 2.40
N ARG A 32 5.28 -13.75 3.71
CA ARG A 32 4.93 -15.08 4.17
C ARG A 32 6.18 -15.96 4.23
N GLN A 33 7.31 -15.33 4.45
CA GLN A 33 8.57 -16.04 4.53
C GLN A 33 8.99 -16.21 5.99
N TYR A 34 8.07 -16.76 6.77
CA TYR A 34 8.33 -16.98 8.19
C TYR A 34 9.42 -18.03 8.38
N GLU A 35 9.76 -18.69 7.29
CA GLU A 35 10.77 -19.73 7.33
C GLU A 35 12.17 -19.10 7.38
N LEU A 36 13.12 -19.88 7.89
CA LEU A 36 14.48 -19.42 8.00
C LEU A 36 14.63 -18.59 9.28
N LEU A 37 13.60 -17.80 9.57
CA LEU A 37 13.61 -16.96 10.75
C LEU A 37 13.95 -17.81 11.97
N ARG A 1 -25.61 14.69 -11.64
CA ARG A 1 -24.29 15.09 -12.14
C ARG A 1 -23.25 14.94 -11.04
N GLN A 2 -23.58 14.10 -10.06
CA GLN A 2 -22.68 13.85 -8.95
C GLN A 2 -22.38 12.37 -8.83
N ILE A 3 -21.67 11.85 -9.82
CA ILE A 3 -21.30 10.45 -9.85
C ILE A 3 -19.90 10.28 -9.24
N LYS A 4 -19.35 11.40 -8.77
CA LYS A 4 -18.03 11.38 -8.17
C LYS A 4 -18.16 11.19 -6.66
N ILE A 5 -19.39 10.92 -6.23
CA ILE A 5 -19.66 10.72 -4.82
C ILE A 5 -19.57 9.23 -4.50
N TRP A 6 -19.47 8.43 -5.55
CA TRP A 6 -19.37 6.99 -5.39
C TRP A 6 -18.14 6.51 -6.17
N PHE A 7 -18.01 7.03 -7.38
CA PHE A 7 -16.89 6.67 -8.23
C PHE A 7 -15.68 7.55 -7.95
N GLN A 8 -15.65 8.09 -6.75
CA GLN A 8 -14.55 8.96 -6.34
C GLN A 8 -14.47 9.01 -4.81
N ASN A 9 -14.95 7.96 -4.18
CA ASN A 9 -14.93 7.88 -2.73
C ASN A 9 -14.28 6.56 -2.30
N ARG A 10 -13.08 6.68 -1.75
CA ARG A 10 -12.35 5.51 -1.30
C ARG A 10 -10.95 5.92 -0.84
N ARG A 11 -10.43 6.98 -1.45
CA ARG A 11 -9.10 7.47 -1.12
C ARG A 11 -9.17 8.34 0.14
N MET A 12 -9.87 7.83 1.15
CA MET A 12 -10.01 8.55 2.40
C MET A 12 -9.46 7.72 3.57
N LYS A 13 -8.95 6.55 3.23
CA LYS A 13 -8.39 5.67 4.24
C LYS A 13 -7.06 5.10 3.74
N TRP A 14 -7.12 4.45 2.58
CA TRP A 14 -5.94 3.87 1.98
C TRP A 14 -5.36 4.87 0.99
N LYS A 15 -5.24 6.11 1.44
CA LYS A 15 -4.71 7.17 0.60
C LYS A 15 -3.31 7.54 1.09
N LYS A 16 -3.04 7.20 2.34
CA LYS A 16 -1.75 7.50 2.94
C LYS A 16 -0.66 6.70 2.21
N ARG A 17 -1.08 5.58 1.63
CA ARG A 17 -0.16 4.72 0.91
C ARG A 17 0.71 3.93 1.89
N VAL A 18 0.18 3.74 3.08
CA VAL A 18 0.89 3.00 4.11
C VAL A 18 0.71 1.50 3.89
N PHE A 19 -0.55 1.09 3.87
CA PHE A 19 -0.88 -0.31 3.66
C PHE A 19 -0.15 -0.87 2.43
N ASN A 20 0.27 0.04 1.57
CA ASN A 20 0.98 -0.34 0.36
C ASN A 20 2.42 -0.70 0.71
N ASP A 21 3.09 0.25 1.36
CA ASP A 21 4.48 0.05 1.75
C ASP A 21 4.52 -0.46 3.20
N ALA A 22 3.43 -1.09 3.60
CA ALA A 22 3.32 -1.61 4.95
C ALA A 22 4.30 -2.79 5.11
N ARG A 23 4.55 -3.46 3.99
CA ARG A 23 5.45 -4.59 3.99
C ARG A 23 6.85 -4.17 3.51
N ASP A 24 7.65 -3.72 4.46
CA ASP A 24 9.00 -3.29 4.14
C ASP A 24 9.73 -2.94 5.44
N ILE A 25 9.21 -1.93 6.13
CA ILE A 25 9.80 -1.49 7.38
C ILE A 25 8.68 -1.08 8.35
N ILE A 26 7.45 -1.19 7.86
CA ILE A 26 6.30 -0.82 8.66
C ILE A 26 5.90 -2.02 9.54
N GLN A 27 6.87 -2.89 9.77
CA GLN A 27 6.63 -4.07 10.59
C GLN A 27 6.20 -5.25 9.71
N ARG A 28 6.29 -5.03 8.40
CA ARG A 28 5.91 -6.06 7.45
C ARG A 28 4.39 -6.16 7.35
N MET A 29 3.75 -5.00 7.35
CA MET A 29 2.30 -4.95 7.27
C MET A 29 1.66 -6.02 8.15
N HIS A 30 2.38 -6.40 9.19
CA HIS A 30 1.90 -7.41 10.12
C HIS A 30 2.10 -8.80 9.52
N LEU A 31 3.26 -8.97 8.90
CA LEU A 31 3.58 -10.24 8.27
C LEU A 31 4.15 -11.20 9.33
N ARG A 32 4.75 -12.27 8.84
CA ARG A 32 5.34 -13.26 9.72
C ARG A 32 6.45 -14.03 9.00
N GLN A 33 6.10 -14.54 7.82
CA GLN A 33 7.04 -15.29 7.02
C GLN A 33 7.39 -16.62 7.71
N TYR A 34 6.34 -17.38 8.01
CA TYR A 34 6.53 -18.67 8.67
C TYR A 34 7.32 -19.63 7.79
N GLU A 35 7.49 -19.22 6.54
CA GLU A 35 8.23 -20.04 5.58
C GLU A 35 9.74 -19.94 5.85
N LEU A 36 10.48 -20.89 5.29
CA LEU A 36 11.91 -20.91 5.46
C LEU A 36 12.25 -21.41 6.86
N LEU A 37 11.43 -20.98 7.82
CA LEU A 37 11.63 -21.38 9.20
C LEU A 37 11.88 -22.89 9.26
N ARG A 1 19.12 0.89 -8.81
CA ARG A 1 17.81 0.27 -8.81
C ARG A 1 16.77 1.21 -9.39
N GLN A 2 16.06 0.72 -10.39
CA GLN A 2 15.03 1.52 -11.04
C GLN A 2 13.91 0.61 -11.55
N ILE A 3 13.45 -0.27 -10.68
CA ILE A 3 12.39 -1.19 -11.03
C ILE A 3 11.04 -0.64 -10.53
N LYS A 4 11.10 0.56 -9.97
CA LYS A 4 9.92 1.21 -9.45
C LYS A 4 9.48 2.33 -10.40
N ILE A 5 10.05 2.29 -11.61
CA ILE A 5 9.74 3.28 -12.61
C ILE A 5 8.24 3.24 -12.92
N TRP A 6 7.89 2.42 -13.91
CA TRP A 6 6.51 2.28 -14.32
C TRP A 6 5.82 1.34 -13.31
N PHE A 7 6.64 0.69 -12.51
CA PHE A 7 6.13 -0.23 -11.51
C PHE A 7 5.70 0.52 -10.24
N GLN A 8 5.77 1.84 -10.32
CA GLN A 8 5.39 2.68 -9.19
C GLN A 8 4.55 3.86 -9.67
N ASN A 9 3.94 3.68 -10.83
CA ASN A 9 3.10 4.73 -11.41
C ASN A 9 1.66 4.54 -10.94
N ARG A 10 1.51 4.27 -9.65
CA ARG A 10 0.20 4.06 -9.07
C ARG A 10 0.10 4.79 -7.73
N ARG A 11 1.16 5.50 -7.39
CA ARG A 11 1.20 6.25 -6.14
C ARG A 11 0.81 7.71 -6.38
N MET A 12 0.60 8.03 -7.64
CA MET A 12 0.21 9.39 -8.02
C MET A 12 -1.23 9.67 -7.62
N LYS A 13 -1.88 8.66 -7.06
CA LYS A 13 -3.27 8.79 -6.64
C LYS A 13 -3.69 7.51 -5.90
N TRP A 14 -3.31 6.38 -6.47
CA TRP A 14 -3.65 5.10 -5.88
C TRP A 14 -2.48 4.68 -4.98
N LYS A 15 -2.15 5.55 -4.04
CA LYS A 15 -1.07 5.28 -3.12
C LYS A 15 -1.36 4.01 -2.34
N LYS A 16 -2.09 4.18 -1.25
CA LYS A 16 -2.45 3.04 -0.41
C LYS A 16 -1.24 2.60 0.39
N ARG A 17 -0.18 2.29 -0.33
CA ARG A 17 1.06 1.84 0.30
C ARG A 17 1.87 3.06 0.78
N VAL A 18 1.91 4.07 -0.08
CA VAL A 18 2.65 5.28 0.24
C VAL A 18 3.87 4.93 1.08
N PHE A 19 4.92 4.50 0.40
CA PHE A 19 6.15 4.13 1.07
C PHE A 19 5.87 3.59 2.47
N ASN A 20 4.69 2.97 2.62
CA ASN A 20 4.30 2.41 3.89
C ASN A 20 4.36 0.89 3.82
N ASP A 21 3.75 0.35 2.77
CA ASP A 21 3.74 -1.10 2.57
C ASP A 21 4.96 -1.50 1.74
N ALA A 22 5.30 -0.64 0.78
CA ALA A 22 6.43 -0.91 -0.08
C ALA A 22 7.72 -0.83 0.75
N ARG A 23 7.60 -0.25 1.92
CA ARG A 23 8.73 -0.11 2.82
C ARG A 23 8.79 -1.29 3.79
N ASP A 24 8.71 -2.49 3.23
CA ASP A 24 8.75 -3.70 4.03
C ASP A 24 9.67 -4.72 3.37
N ILE A 25 9.13 -5.37 2.35
CA ILE A 25 9.89 -6.38 1.62
C ILE A 25 9.45 -6.38 0.15
N ILE A 26 8.18 -6.71 -0.05
CA ILE A 26 7.61 -6.76 -1.39
C ILE A 26 6.21 -6.15 -1.37
N GLN A 27 6.11 -4.97 -0.76
CA GLN A 27 4.83 -4.29 -0.66
C GLN A 27 3.82 -5.16 0.08
N ARG A 28 4.32 -6.23 0.67
CA ARG A 28 3.47 -7.15 1.41
C ARG A 28 2.86 -8.18 0.47
N MET A 29 3.60 -8.49 -0.58
CA MET A 29 3.15 -9.47 -1.56
C MET A 29 1.64 -9.33 -1.80
N HIS A 30 1.15 -8.11 -1.63
CA HIS A 30 -0.26 -7.84 -1.82
C HIS A 30 -1.06 -8.41 -0.65
N LEU A 31 -0.61 -8.08 0.55
CA LEU A 31 -1.27 -8.56 1.75
C LEU A 31 -2.25 -7.48 2.24
N ARG A 32 -2.72 -7.68 3.47
CA ARG A 32 -3.67 -6.76 4.06
C ARG A 32 -4.01 -7.17 5.49
N GLN A 33 -3.08 -6.88 6.39
CA GLN A 33 -3.26 -7.22 7.79
C GLN A 33 -3.41 -5.95 8.63
N TYR A 34 -4.21 -5.02 8.11
CA TYR A 34 -4.43 -3.76 8.80
C TYR A 34 -5.40 -3.95 9.97
N GLU A 35 -5.11 -4.95 10.79
CA GLU A 35 -5.94 -5.24 11.94
C GLU A 35 -6.00 -4.03 12.87
N LEU A 36 -6.21 -4.32 14.15
CA LEU A 36 -6.29 -3.26 15.15
C LEU A 36 -5.20 -2.22 14.87
N LEU A 37 -4.12 -2.69 14.26
CA LEU A 37 -3.01 -1.81 13.94
C LEU A 37 -2.96 -0.67 14.95
N ARG A 1 -15.04 17.25 -1.63
CA ARG A 1 -14.72 16.81 -2.98
C ARG A 1 -15.80 15.84 -3.48
N GLN A 2 -15.67 15.48 -4.76
CA GLN A 2 -16.62 14.58 -5.36
C GLN A 2 -16.28 13.13 -5.02
N ILE A 3 -16.04 12.90 -3.74
CA ILE A 3 -15.70 11.57 -3.27
C ILE A 3 -16.98 10.83 -2.90
N LYS A 4 -18.10 11.48 -3.14
CA LYS A 4 -19.40 10.89 -2.84
C LYS A 4 -19.95 10.22 -4.10
N ILE A 5 -19.10 10.13 -5.11
CA ILE A 5 -19.49 9.52 -6.36
C ILE A 5 -19.50 8.00 -6.20
N TRP A 6 -19.17 7.56 -5.00
CA TRP A 6 -19.14 6.13 -4.71
C TRP A 6 -18.09 5.49 -5.61
N PHE A 7 -18.49 5.24 -6.85
CA PHE A 7 -17.59 4.63 -7.81
C PHE A 7 -16.30 5.44 -7.97
N GLN A 8 -16.37 6.68 -7.49
CA GLN A 8 -15.22 7.57 -7.56
C GLN A 8 -14.65 7.82 -6.17
N ASN A 9 -14.89 6.85 -5.28
CA ASN A 9 -14.41 6.96 -3.91
C ASN A 9 -13.18 6.06 -3.75
N ARG A 10 -12.02 6.71 -3.66
CA ARG A 10 -10.77 5.98 -3.50
C ARG A 10 -9.63 6.94 -3.22
N ARG A 11 -9.67 8.09 -3.90
CA ARG A 11 -8.65 9.10 -3.73
C ARG A 11 -8.44 9.41 -2.25
N MET A 12 -9.46 9.08 -1.46
CA MET A 12 -9.41 9.31 -0.03
C MET A 12 -8.56 8.25 0.66
N LYS A 13 -7.99 7.38 -0.14
CA LYS A 13 -7.15 6.31 0.38
C LYS A 13 -5.83 6.27 -0.38
N TRP A 14 -5.47 7.42 -0.94
CA TRP A 14 -4.24 7.53 -1.71
C TRP A 14 -3.11 7.84 -0.74
N LYS A 15 -3.03 7.03 0.30
CA LYS A 15 -1.99 7.21 1.32
C LYS A 15 -2.02 6.02 2.28
N LYS A 16 -2.19 4.84 1.70
CA LYS A 16 -2.23 3.62 2.48
C LYS A 16 -0.81 3.03 2.56
N ARG A 17 -0.08 3.19 1.48
CA ARG A 17 1.28 2.67 1.41
C ARG A 17 2.28 3.78 1.73
N VAL A 18 2.17 4.87 0.99
CA VAL A 18 3.06 6.01 1.19
C VAL A 18 4.44 5.50 1.60
N PHE A 19 5.22 5.11 0.61
CA PHE A 19 6.56 4.60 0.86
C PHE A 19 6.63 3.91 2.21
N ASN A 20 5.51 3.35 2.62
CA ASN A 20 5.44 2.64 3.90
C ASN A 20 5.32 1.15 3.64
N ASP A 21 4.30 0.78 2.87
CA ASP A 21 4.07 -0.61 2.55
C ASP A 21 5.29 -1.18 1.84
N ALA A 22 5.76 -0.44 0.83
CA ALA A 22 6.92 -0.86 0.07
C ALA A 22 8.12 -1.01 1.02
N ARG A 23 7.99 -0.41 2.20
CA ARG A 23 9.04 -0.48 3.19
C ARG A 23 8.80 -1.65 4.15
N ASP A 24 8.67 -2.83 3.57
CA ASP A 24 8.43 -4.03 4.35
C ASP A 24 9.21 -5.20 3.74
N ILE A 25 8.69 -5.69 2.62
CA ILE A 25 9.33 -6.80 1.93
C ILE A 25 9.17 -6.61 0.42
N ILE A 26 7.93 -6.41 0.00
CA ILE A 26 7.64 -6.21 -1.40
C ILE A 26 6.34 -5.41 -1.55
N GLN A 27 6.16 -4.47 -0.62
CA GLN A 27 4.98 -3.62 -0.63
C GLN A 27 3.74 -4.46 -0.35
N ARG A 28 3.95 -5.75 -0.12
CA ARG A 28 2.86 -6.66 0.16
C ARG A 28 3.22 -7.57 1.34
N MET A 29 4.50 -7.89 1.43
CA MET A 29 4.99 -8.75 2.50
C MET A 29 3.99 -9.87 2.79
N HIS A 30 3.25 -10.25 1.75
CA HIS A 30 2.27 -11.31 1.89
C HIS A 30 1.15 -10.85 2.82
N LEU A 31 0.50 -9.77 2.43
CA LEU A 31 -0.59 -9.22 3.22
C LEU A 31 -1.86 -10.03 2.97
N ARG A 32 -2.99 -9.47 3.41
CA ARG A 32 -4.27 -10.13 3.23
C ARG A 32 -5.01 -9.52 2.03
N GLN A 33 -5.34 -8.24 2.17
CA GLN A 33 -6.05 -7.55 1.12
C GLN A 33 -7.12 -8.45 0.50
N TYR A 34 -8.02 -8.91 1.36
CA TYR A 34 -9.10 -9.78 0.91
C TYR A 34 -10.30 -8.97 0.42
N GLU A 35 -9.99 -7.90 -0.30
CA GLU A 35 -11.02 -7.03 -0.83
C GLU A 35 -11.99 -7.84 -1.71
N LEU A 36 -12.72 -7.11 -2.55
CA LEU A 36 -13.67 -7.75 -3.45
C LEU A 36 -13.08 -9.05 -3.99
N LEU A 37 -11.75 -9.06 -4.10
CA LEU A 37 -11.05 -10.21 -4.61
C LEU A 37 -11.73 -11.48 -4.09
N ARG A 1 -9.07 14.37 16.99
CA ARG A 1 -10.13 13.39 17.21
C ARG A 1 -9.57 11.97 17.10
N GLN A 2 -9.43 11.33 18.26
CA GLN A 2 -8.91 9.98 18.30
C GLN A 2 -7.55 9.90 17.61
N ILE A 3 -6.68 10.83 17.98
CA ILE A 3 -5.35 10.88 17.41
C ILE A 3 -4.34 10.29 18.39
N LYS A 4 -4.88 9.73 19.46
CA LYS A 4 -4.04 9.13 20.49
C LYS A 4 -4.75 7.90 21.07
N ILE A 5 -5.67 7.35 20.27
CA ILE A 5 -6.41 6.18 20.69
C ILE A 5 -5.65 4.93 20.29
N TRP A 6 -4.40 5.13 19.89
CA TRP A 6 -3.56 4.02 19.49
C TRP A 6 -4.17 3.39 18.25
N PHE A 7 -5.22 2.60 18.47
CA PHE A 7 -5.90 1.93 17.37
C PHE A 7 -6.45 2.95 16.37
N GLN A 8 -6.45 4.21 16.78
CA GLN A 8 -6.95 5.28 15.94
C GLN A 8 -5.78 6.15 15.45
N ASN A 9 -4.60 5.55 15.45
CA ASN A 9 -3.41 6.26 15.02
C ASN A 9 -2.94 5.68 13.68
N ARG A 10 -3.75 5.89 12.66
CA ARG A 10 -3.43 5.39 11.33
C ARG A 10 -4.49 5.83 10.32
N ARG A 11 -5.72 5.92 10.81
CA ARG A 11 -6.83 6.33 9.96
C ARG A 11 -6.85 7.86 9.83
N MET A 12 -5.69 8.41 9.51
CA MET A 12 -5.57 9.85 9.35
C MET A 12 -4.90 10.20 8.01
N LYS A 13 -4.63 9.16 7.24
CA LYS A 13 -4.00 9.34 5.94
C LYS A 13 -3.77 7.97 5.29
N TRP A 14 -4.80 7.14 5.35
CA TRP A 14 -4.72 5.82 4.77
C TRP A 14 -3.49 5.12 5.35
N LYS A 15 -3.02 5.65 6.48
CA LYS A 15 -1.85 5.10 7.13
C LYS A 15 -1.93 3.57 7.11
N LYS A 16 -1.13 2.97 6.26
CA LYS A 16 -1.09 1.53 6.14
C LYS A 16 -0.38 1.14 4.84
N ARG A 17 -0.51 2.02 3.85
CA ARG A 17 0.12 1.78 2.56
C ARG A 17 1.08 2.93 2.22
N VAL A 18 0.64 4.14 2.55
CA VAL A 18 1.45 5.31 2.28
C VAL A 18 2.93 4.94 2.32
N PHE A 19 3.48 4.67 1.15
CA PHE A 19 4.87 4.30 1.04
C PHE A 19 5.32 3.48 2.24
N ASN A 20 4.36 2.79 2.85
CA ASN A 20 4.65 1.97 4.01
C ASN A 20 4.85 0.52 3.58
N ASP A 21 3.88 0.02 2.81
CA ASP A 21 3.94 -1.35 2.32
C ASP A 21 5.29 -1.57 1.63
N ALA A 22 5.57 -0.74 0.64
CA ALA A 22 6.81 -0.84 -0.10
C ALA A 22 7.98 -0.77 0.87
N ARG A 23 7.71 -0.24 2.04
CA ARG A 23 8.73 -0.12 3.07
C ARG A 23 8.70 -1.33 4.00
N ASP A 24 8.73 -2.50 3.39
CA ASP A 24 8.71 -3.74 4.15
C ASP A 24 9.78 -4.68 3.60
N ILE A 25 9.48 -5.27 2.45
CA ILE A 25 10.41 -6.19 1.81
C ILE A 25 10.19 -6.16 0.30
N ILE A 26 8.93 -6.29 -0.09
CA ILE A 26 8.58 -6.29 -1.50
C ILE A 26 7.21 -5.62 -1.68
N GLN A 27 6.87 -4.78 -0.71
CA GLN A 27 5.59 -4.07 -0.74
C GLN A 27 4.46 -5.03 -0.39
N ARG A 28 4.83 -6.18 0.14
CA ARG A 28 3.85 -7.18 0.53
C ARG A 28 4.55 -8.49 0.90
N MET A 29 5.80 -8.59 0.48
CA MET A 29 6.58 -9.78 0.77
C MET A 29 6.15 -10.95 -0.12
N HIS A 30 4.89 -10.92 -0.51
CA HIS A 30 4.34 -11.96 -1.36
C HIS A 30 2.81 -11.94 -1.27
N LEU A 31 2.31 -11.34 -0.20
CA LEU A 31 0.88 -11.24 0.01
C LEU A 31 0.23 -10.56 -1.20
N ARG A 32 -1.01 -10.15 -1.01
CA ARG A 32 -1.75 -9.48 -2.07
C ARG A 32 -3.21 -9.31 -1.67
N GLN A 33 -3.47 -8.25 -0.91
CA GLN A 33 -4.81 -7.96 -0.46
C GLN A 33 -5.18 -6.51 -0.77
N TYR A 34 -5.22 -6.21 -2.06
CA TYR A 34 -5.56 -4.87 -2.51
C TYR A 34 -7.06 -4.61 -2.37
N GLU A 35 -7.57 -4.87 -1.18
CA GLU A 35 -8.98 -4.67 -0.90
C GLU A 35 -9.36 -3.21 -1.13
N LEU A 36 -10.45 -2.81 -0.51
CA LEU A 36 -10.94 -1.44 -0.62
C LEU A 36 -9.76 -0.47 -0.49
N LEU A 37 -8.74 -0.93 0.22
CA LEU A 37 -7.55 -0.13 0.43
C LEU A 37 -7.23 0.65 -0.84
N ARG A 1 -0.71 22.12 -3.29
CA ARG A 1 -0.47 21.70 -4.67
C ARG A 1 -1.71 20.99 -5.22
N GLN A 2 -1.91 21.16 -6.53
CA GLN A 2 -3.04 20.54 -7.20
C GLN A 2 -4.29 20.63 -6.31
N ILE A 3 -4.62 21.84 -5.92
CA ILE A 3 -5.78 22.08 -5.08
C ILE A 3 -6.99 22.41 -5.95
N LYS A 4 -6.75 22.39 -7.25
CA LYS A 4 -7.81 22.68 -8.20
C LYS A 4 -8.47 21.37 -8.66
N ILE A 5 -8.05 20.29 -8.03
CA ILE A 5 -8.59 18.98 -8.35
C ILE A 5 -9.72 18.64 -7.38
N TRP A 6 -10.59 19.62 -7.16
CA TRP A 6 -11.72 19.44 -6.26
C TRP A 6 -12.47 18.19 -6.70
N PHE A 7 -12.49 17.97 -8.01
CA PHE A 7 -13.18 16.82 -8.57
C PHE A 7 -12.26 15.60 -8.60
N GLN A 8 -11.53 15.43 -7.51
CA GLN A 8 -10.60 14.31 -7.40
C GLN A 8 -9.69 14.49 -6.19
N ASN A 9 -10.30 14.91 -5.09
CA ASN A 9 -9.56 15.13 -3.87
C ASN A 9 -10.35 14.58 -2.68
N ARG A 10 -10.04 13.35 -2.32
CA ARG A 10 -10.73 12.70 -1.21
C ARG A 10 -10.00 11.40 -0.84
N ARG A 11 -9.51 10.72 -1.86
CA ARG A 11 -8.80 9.46 -1.65
C ARG A 11 -7.52 9.71 -0.84
N MET A 12 -7.18 10.98 -0.70
CA MET A 12 -5.99 11.36 0.04
C MET A 12 -6.27 11.37 1.55
N LYS A 13 -7.45 10.90 1.91
CA LYS A 13 -7.85 10.85 3.30
C LYS A 13 -7.56 9.45 3.86
N TRP A 14 -8.27 8.46 3.32
CA TRP A 14 -8.10 7.09 3.75
C TRP A 14 -7.08 6.43 2.82
N LYS A 15 -6.03 7.17 2.52
CA LYS A 15 -4.98 6.66 1.65
C LYS A 15 -3.88 7.72 1.52
N LYS A 16 -3.02 7.75 2.51
CA LYS A 16 -1.93 8.71 2.53
C LYS A 16 -0.59 7.94 2.43
N ARG A 17 -0.55 6.81 3.11
CA ARG A 17 0.64 5.98 3.12
C ARG A 17 0.29 4.55 3.52
N VAL A 18 -0.95 4.17 3.25
CA VAL A 18 -1.42 2.84 3.58
C VAL A 18 -0.34 1.82 3.19
N PHE A 19 -0.13 1.69 1.90
CA PHE A 19 0.86 0.76 1.39
C PHE A 19 2.19 0.90 2.14
N ASN A 20 2.35 2.07 2.75
CA ASN A 20 3.56 2.35 3.50
C ASN A 20 3.49 1.68 4.87
N ASP A 21 2.40 1.97 5.58
CA ASP A 21 2.20 1.40 6.89
C ASP A 21 2.32 -0.13 6.81
N ALA A 22 1.69 -0.68 5.78
CA ALA A 22 1.73 -2.12 5.57
C ALA A 22 3.18 -2.57 5.34
N ARG A 23 3.99 -1.61 4.94
CA ARG A 23 5.40 -1.89 4.67
C ARG A 23 6.23 -1.66 5.94
N ASP A 24 5.82 -2.37 7.00
CA ASP A 24 6.53 -2.26 8.27
C ASP A 24 6.62 -3.64 8.92
N ILE A 25 5.51 -4.06 9.49
CA ILE A 25 5.45 -5.36 10.15
C ILE A 25 4.03 -5.60 10.68
N ILE A 26 3.06 -5.14 9.91
CA ILE A 26 1.67 -5.30 10.29
C ILE A 26 0.89 -5.93 9.15
N GLN A 27 1.23 -5.50 7.94
CA GLN A 27 0.57 -6.02 6.75
C GLN A 27 0.44 -7.53 6.84
N ARG A 28 1.24 -8.12 7.71
CA ARG A 28 1.22 -9.56 7.90
C ARG A 28 0.90 -9.90 9.36
N MET A 29 0.61 -8.86 10.12
CA MET A 29 0.28 -9.03 11.53
C MET A 29 1.13 -10.14 12.15
N HIS A 30 2.34 -10.27 11.65
CA HIS A 30 3.26 -11.29 12.14
C HIS A 30 2.74 -12.67 11.78
N LEU A 31 2.51 -12.86 10.48
CA LEU A 31 2.00 -14.13 9.98
C LEU A 31 2.98 -15.25 10.38
N ARG A 32 2.88 -16.36 9.66
CA ARG A 32 3.73 -17.49 9.93
C ARG A 32 5.21 -17.08 9.90
N GLN A 33 5.60 -16.50 8.77
CA GLN A 33 6.97 -16.04 8.61
C GLN A 33 7.94 -17.21 8.73
N TYR A 34 7.74 -18.20 7.85
CA TYR A 34 8.59 -19.37 7.84
C TYR A 34 9.87 -19.13 7.04
N GLU A 35 10.47 -17.96 7.28
CA GLU A 35 11.69 -17.60 6.60
C GLU A 35 12.78 -18.65 6.84
N LEU A 36 14.02 -18.23 6.64
CA LEU A 36 15.15 -19.12 6.84
C LEU A 36 14.95 -19.92 8.14
N LEU A 37 14.20 -19.31 9.05
CA LEU A 37 13.92 -19.94 10.32
C LEU A 37 13.72 -21.45 10.11
N ARG A 1 1.51 -11.10 -7.81
CA ARG A 1 2.08 -10.17 -6.85
C ARG A 1 1.66 -8.74 -7.18
N GLN A 2 0.81 -8.61 -8.18
CA GLN A 2 0.33 -7.30 -8.60
C GLN A 2 -1.19 -7.31 -8.71
N ILE A 3 -1.83 -7.80 -7.66
CA ILE A 3 -3.28 -7.86 -7.62
C ILE A 3 -3.82 -6.66 -6.86
N LYS A 4 -2.91 -5.79 -6.48
CA LYS A 4 -3.29 -4.59 -5.73
C LYS A 4 -2.82 -3.35 -6.50
N ILE A 5 -2.71 -3.51 -7.81
CA ILE A 5 -2.28 -2.42 -8.66
C ILE A 5 -3.34 -1.32 -8.66
N TRP A 6 -4.49 -1.65 -8.08
CA TRP A 6 -5.59 -0.70 -8.01
C TRP A 6 -6.04 -0.63 -6.54
N PHE A 7 -6.20 -1.79 -5.94
CA PHE A 7 -6.62 -1.88 -4.55
C PHE A 7 -5.58 -1.25 -3.62
N GLN A 8 -4.42 -0.95 -4.20
CA GLN A 8 -3.34 -0.36 -3.43
C GLN A 8 -2.89 0.95 -4.09
N ASN A 9 -3.82 1.59 -4.77
CA ASN A 9 -3.53 2.85 -5.44
C ASN A 9 -4.57 3.88 -5.05
N ARG A 10 -4.42 4.41 -3.85
CA ARG A 10 -5.35 5.41 -3.34
C ARG A 10 -4.69 6.23 -2.22
N ARG A 11 -3.97 5.51 -1.37
CA ARG A 11 -3.29 6.16 -0.25
C ARG A 11 -4.18 7.26 0.34
N MET A 12 -5.18 6.83 1.10
CA MET A 12 -6.10 7.76 1.72
C MET A 12 -6.61 8.80 0.71
N LYS A 13 -6.40 8.48 -0.56
CA LYS A 13 -6.84 9.37 -1.63
C LYS A 13 -5.63 10.15 -2.16
N TRP A 14 -4.50 9.95 -1.50
CA TRP A 14 -3.28 10.62 -1.90
C TRP A 14 -2.73 9.93 -3.15
N LYS A 15 -2.94 8.62 -3.20
CA LYS A 15 -2.48 7.84 -4.32
C LYS A 15 -1.13 8.37 -4.80
N LYS A 16 -0.07 7.84 -4.21
CA LYS A 16 1.27 8.26 -4.57
C LYS A 16 2.24 7.89 -3.43
N ARG A 17 1.68 7.79 -2.24
CA ARG A 17 2.48 7.46 -1.07
C ARG A 17 2.32 5.96 -0.75
N VAL A 18 1.65 5.26 -1.64
CA VAL A 18 1.43 3.83 -1.46
C VAL A 18 2.77 3.14 -1.26
N PHE A 19 3.63 3.28 -2.25
CA PHE A 19 4.95 2.67 -2.18
C PHE A 19 5.64 2.99 -0.86
N ASN A 20 5.17 4.06 -0.23
CA ASN A 20 5.74 4.48 1.04
C ASN A 20 5.40 3.44 2.12
N ASP A 21 4.10 3.25 2.32
CA ASP A 21 3.64 2.29 3.31
C ASP A 21 4.30 0.93 3.04
N ALA A 22 4.63 0.71 1.78
CA ALA A 22 5.26 -0.55 1.38
C ALA A 22 6.61 -0.68 2.08
N ARG A 23 7.09 0.45 2.59
CA ARG A 23 8.37 0.48 3.28
C ARG A 23 8.15 0.29 4.79
N ASP A 24 7.41 -0.75 5.13
CA ASP A 24 7.13 -1.05 6.52
C ASP A 24 7.33 -2.54 6.76
N ILE A 25 6.34 -3.32 6.34
CA ILE A 25 6.40 -4.77 6.52
C ILE A 25 5.11 -5.38 5.99
N ILE A 26 4.64 -4.84 4.88
CA ILE A 26 3.41 -5.33 4.26
C ILE A 26 3.66 -5.56 2.77
N GLN A 27 4.45 -4.67 2.19
CA GLN A 27 4.76 -4.77 0.76
C GLN A 27 5.12 -6.22 0.40
N ARG A 28 5.44 -6.98 1.43
CA ARG A 28 5.80 -8.38 1.23
C ARG A 28 4.85 -9.29 2.01
N MET A 29 3.86 -8.67 2.63
CA MET A 29 2.89 -9.41 3.42
C MET A 29 3.53 -10.63 4.08
N HIS A 30 4.48 -10.36 4.97
CA HIS A 30 5.17 -11.43 5.67
C HIS A 30 5.42 -12.59 4.71
N LEU A 31 5.94 -12.26 3.54
CA LEU A 31 6.24 -13.26 2.54
C LEU A 31 7.37 -14.16 3.04
N ARG A 32 7.90 -14.95 2.12
CA ARG A 32 8.98 -15.87 2.46
C ARG A 32 8.43 -17.15 3.07
N GLN A 33 7.13 -17.14 3.33
CA GLN A 33 6.46 -18.28 3.93
C GLN A 33 7.35 -18.92 4.99
N TYR A 34 7.49 -18.23 6.11
CA TYR A 34 8.31 -18.71 7.19
C TYR A 34 7.73 -19.98 7.81
N GLU A 35 6.50 -20.29 7.37
CA GLU A 35 5.82 -21.47 7.87
C GLU A 35 6.39 -22.73 7.20
N LEU A 36 6.09 -23.87 7.82
CA LEU A 36 6.56 -25.14 7.30
C LEU A 36 8.05 -25.30 7.62
N LEU A 37 8.76 -24.19 7.50
CA LEU A 37 10.20 -24.18 7.78
C LEU A 37 10.46 -24.93 9.09
N ARG A 1 -14.23 -6.55 -12.46
CA ARG A 1 -15.35 -5.81 -11.91
C ARG A 1 -14.93 -5.06 -10.64
N GLN A 2 -14.05 -4.09 -10.84
CA GLN A 2 -13.55 -3.30 -9.72
C GLN A 2 -12.28 -2.54 -10.13
N ILE A 3 -12.37 -1.89 -11.29
CA ILE A 3 -11.24 -1.14 -11.80
C ILE A 3 -11.39 0.33 -11.39
N LYS A 4 -12.50 0.62 -10.73
CA LYS A 4 -12.78 1.97 -10.28
C LYS A 4 -13.82 1.92 -9.16
N ILE A 5 -13.87 0.79 -8.48
CA ILE A 5 -14.82 0.61 -7.39
C ILE A 5 -14.06 0.66 -6.05
N TRP A 6 -12.76 0.45 -6.15
CA TRP A 6 -11.91 0.46 -4.96
C TRP A 6 -10.80 1.49 -5.19
N PHE A 7 -10.22 1.43 -6.37
CA PHE A 7 -9.14 2.34 -6.73
C PHE A 7 -9.69 3.74 -7.04
N GLN A 8 -11.01 3.86 -6.91
CA GLN A 8 -11.66 5.13 -7.17
C GLN A 8 -12.74 5.40 -6.12
N ASN A 9 -12.36 5.18 -4.87
CA ASN A 9 -13.29 5.39 -3.76
C ASN A 9 -12.52 5.95 -2.57
N ARG A 10 -11.51 5.21 -2.15
CA ARG A 10 -10.69 5.63 -1.02
C ARG A 10 -9.23 5.74 -1.45
N ARG A 11 -8.96 5.35 -2.68
CA ARG A 11 -7.62 5.41 -3.22
C ARG A 11 -7.40 6.72 -3.97
N MET A 12 -8.51 7.40 -4.25
CA MET A 12 -8.45 8.68 -4.96
C MET A 12 -7.92 9.78 -4.05
N LYS A 13 -7.54 9.39 -2.84
CA LYS A 13 -7.01 10.34 -1.87
C LYS A 13 -5.50 10.42 -2.03
N TRP A 14 -4.82 9.50 -1.35
CA TRP A 14 -3.36 9.46 -1.40
C TRP A 14 -2.92 8.01 -1.17
N LYS A 15 -3.88 7.11 -1.32
CA LYS A 15 -3.60 5.69 -1.11
C LYS A 15 -2.44 5.27 -2.03
N LYS A 16 -2.78 5.07 -3.30
CA LYS A 16 -1.78 4.66 -4.27
C LYS A 16 -1.04 3.43 -3.77
N ARG A 17 -1.68 2.73 -2.83
CA ARG A 17 -1.10 1.54 -2.25
C ARG A 17 0.05 1.91 -1.31
N VAL A 18 -0.06 3.10 -0.74
CA VAL A 18 0.95 3.58 0.19
C VAL A 18 0.91 2.73 1.46
N PHE A 19 -0.24 2.75 2.12
CA PHE A 19 -0.42 2.00 3.34
C PHE A 19 0.04 0.55 3.17
N ASN A 20 0.09 0.12 1.91
CA ASN A 20 0.51 -1.22 1.59
C ASN A 20 2.03 -1.33 1.72
N ASP A 21 2.72 -0.46 1.00
CA ASP A 21 4.17 -0.44 1.02
C ASP A 21 4.65 -0.39 2.46
N ALA A 22 3.83 0.19 3.32
CA ALA A 22 4.15 0.31 4.73
C ALA A 22 4.33 -1.09 5.32
N ARG A 23 3.79 -2.07 4.61
CA ARG A 23 3.88 -3.45 5.05
C ARG A 23 5.12 -4.13 4.44
N ASP A 24 6.26 -3.52 4.69
CA ASP A 24 7.52 -4.04 4.18
C ASP A 24 8.61 -3.87 5.24
N ILE A 25 9.09 -2.63 5.35
CA ILE A 25 10.12 -2.33 6.32
C ILE A 25 10.54 -0.86 6.15
N ILE A 26 9.55 -0.02 5.91
CA ILE A 26 9.79 1.40 5.73
C ILE A 26 8.85 2.20 6.63
N GLN A 27 7.63 1.68 6.76
CA GLN A 27 6.63 2.33 7.59
C GLN A 27 7.21 2.71 8.94
N ARG A 28 8.39 2.16 9.21
CA ARG A 28 9.07 2.44 10.47
C ARG A 28 10.44 3.06 10.20
N MET A 29 10.71 3.29 8.93
CA MET A 29 11.98 3.88 8.53
C MET A 29 11.97 5.40 8.76
N HIS A 30 10.77 5.96 8.70
CA HIS A 30 10.62 7.39 8.89
C HIS A 30 9.15 7.78 8.66
N LEU A 31 8.27 6.88 9.03
CA LEU A 31 6.85 7.11 8.87
C LEU A 31 6.21 7.37 10.23
N ARG A 32 4.89 7.39 10.25
CA ARG A 32 4.15 7.63 11.48
C ARG A 32 2.72 8.05 11.17
N GLN A 33 1.87 7.05 10.97
CA GLN A 33 0.47 7.31 10.67
C GLN A 33 -0.41 6.84 11.82
N TYR A 34 -1.16 5.78 11.56
CA TYR A 34 -2.05 5.23 12.57
C TYR A 34 -1.27 4.44 13.61
N GLU A 35 -0.24 5.08 14.15
CA GLU A 35 0.59 4.44 15.16
C GLU A 35 -0.24 4.07 16.39
N LEU A 36 0.44 3.92 17.50
CA LEU A 36 -0.23 3.57 18.75
C LEU A 36 -1.48 4.43 18.90
N LEU A 37 -1.45 5.60 18.28
CA LEU A 37 -2.58 6.51 18.34
C LEU A 37 -3.88 5.71 18.27
#